data_4NWW
#
_entry.id   4NWW
#
_cell.length_a   404.921
_cell.length_b   375.148
_cell.length_c   412.207
_cell.angle_alpha   90.00
_cell.angle_beta   90.00
_cell.angle_gamma   90.00
#
_symmetry.space_group_name_H-M   'I 2 2 2'
#
loop_
_entity.id
_entity.type
_entity.pdbx_description
1 polymer 'Capsid protein'
2 non-polymer 'CALCIUM ION'
#
_entity_poly.entity_id   1
_entity_poly.type   'polypeptide(L)'
_entity_poly.pdbx_seq_one_letter_code
;GTTSSNSILLKGCDRIVTVVDASTYDAGSAIVSIPITPDIAYRLGSTARTFQRIKYRSLKFRVNAQCATTTAGGYVAGFV
KDAADVLPTGTASIPYLMSNTGSFTQPWWKSTVHNVKIPQKLFYTEAPTRGADAVREYCPGQFHVLVDSKPSQICPVTVD
LEWVVELHDATFRKESDQTAISAIVADHTLNVYGLPATSNRVGHILISPIGQTPKDLTPTRFATFFGFLPDDKFCVRIPT
PVDVVLTGDNVYQSVEATHIRAYLVNGGLGIDFHLAAYNDTTHTIQPIIPTLWNVYDVTGAVTAPFTSAIYDNHVWTHKD
KFVPVSFQDEPIPGTVFDYLYPRSYSLPSSNGHHHHHH
;
_entity_poly.pdbx_strand_id   A,B,C
#
loop_
_chem_comp.id
_chem_comp.type
_chem_comp.name
_chem_comp.formula
CA non-polymer 'CALCIUM ION' 'Ca 2'
#
# COMPACT_ATOMS: atom_id res chain seq x y z
N SER A 4 -35.29 -12.59 8.27
CA SER A 4 -34.24 -12.83 9.31
C SER A 4 -33.68 -14.25 9.23
N SER A 5 -32.45 -14.40 9.70
CA SER A 5 -31.70 -15.66 9.62
C SER A 5 -31.12 -16.02 11.00
N ASN A 6 -30.39 -17.13 11.07
CA ASN A 6 -29.77 -17.57 12.30
C ASN A 6 -28.27 -17.80 12.13
N SER A 7 -27.57 -17.84 13.26
CA SER A 7 -26.14 -18.19 13.29
C SER A 7 -26.01 -19.68 13.59
N ILE A 8 -24.94 -20.28 13.08
CA ILE A 8 -24.76 -21.73 13.15
C ILE A 8 -23.39 -22.14 13.69
N LEU A 9 -23.27 -23.44 13.97
CA LEU A 9 -22.00 -24.07 14.31
C LEU A 9 -21.71 -25.23 13.37
N LEU A 10 -20.69 -25.08 12.55
CA LEU A 10 -20.33 -26.08 11.57
C LEU A 10 -19.08 -26.84 11.96
N LYS A 11 -19.02 -28.10 11.54
CA LYS A 11 -17.83 -28.93 11.62
C LYS A 11 -17.60 -29.51 10.23
N GLY A 12 -16.36 -29.92 9.94
CA GLY A 12 -16.06 -30.53 8.64
C GLY A 12 -14.58 -30.54 8.35
N CYS A 13 -14.24 -30.98 7.14
CA CYS A 13 -12.84 -31.02 6.72
C CYS A 13 -12.68 -30.96 5.21
N ASP A 14 -11.58 -30.36 4.76
CA ASP A 14 -11.27 -30.24 3.35
C ASP A 14 -9.78 -30.36 3.14
N ARG A 15 -9.39 -30.65 1.90
CA ARG A 15 -8.01 -30.44 1.48
C ARG A 15 -7.77 -28.94 1.54
N ILE A 16 -6.67 -28.58 2.19
CA ILE A 16 -6.33 -27.18 2.38
C ILE A 16 -5.23 -26.79 1.37
N VAL A 17 -4.32 -27.72 1.09
CA VAL A 17 -3.26 -27.50 0.09
C VAL A 17 -2.57 -28.81 -0.31
N THR A 18 -2.23 -28.90 -1.60
CA THR A 18 -1.58 -30.10 -2.16
C THR A 18 -0.36 -29.65 -2.98
N VAL A 19 0.77 -30.30 -2.76
CA VAL A 19 2.01 -29.91 -3.43
C VAL A 19 2.50 -31.06 -4.28
N VAL A 20 2.90 -30.72 -5.49
CA VAL A 20 3.69 -31.62 -6.34
C VAL A 20 5.07 -31.60 -5.72
N ASP A 21 5.75 -32.74 -5.67
CA ASP A 21 7.01 -32.82 -4.92
C ASP A 21 7.89 -31.57 -5.04
N ALA A 22 7.90 -30.79 -3.96
CA ALA A 22 8.70 -29.59 -3.89
C ALA A 22 10.01 -29.96 -3.17
N SER A 23 10.61 -31.06 -3.61
CA SER A 23 11.83 -31.57 -3.00
C SER A 23 13.03 -30.71 -3.34
N THR A 24 13.01 -30.12 -4.53
CA THR A 24 14.11 -29.28 -5.02
C THR A 24 14.27 -28.00 -4.21
N TYR A 25 13.24 -27.62 -3.48
CA TYR A 25 13.29 -26.48 -2.58
C TYR A 25 14.34 -26.73 -1.50
N ASP A 26 15.27 -25.81 -1.35
CA ASP A 26 16.40 -25.96 -0.45
C ASP A 26 15.94 -25.68 0.99
N ALA A 27 16.86 -25.90 1.94
CA ALA A 27 16.56 -25.76 3.36
C ALA A 27 16.14 -24.34 3.74
N GLY A 28 15.02 -24.23 4.48
CA GLY A 28 14.49 -22.93 4.90
C GLY A 28 13.35 -22.41 4.02
N SER A 29 13.22 -22.98 2.83
CA SER A 29 12.12 -22.64 1.94
C SER A 29 10.79 -23.09 2.55
N ALA A 30 9.75 -22.34 2.27
CA ALA A 30 8.42 -22.69 2.76
C ALA A 30 7.64 -23.26 1.60
N ILE A 31 7.52 -24.58 1.55
CA ILE A 31 6.72 -25.26 0.52
C ILE A 31 5.22 -25.11 0.77
N VAL A 32 4.86 -24.86 2.03
CA VAL A 32 3.49 -24.55 2.42
C VAL A 32 3.52 -23.35 3.33
N SER A 33 2.70 -22.36 3.01
CA SER A 33 2.45 -21.23 3.91
C SER A 33 1.16 -20.54 3.48
N ILE A 34 0.02 -21.08 3.92
CA ILE A 34 -1.28 -20.53 3.53
C ILE A 34 -1.99 -19.84 4.70
N PRO A 35 -2.37 -18.56 4.51
CA PRO A 35 -3.15 -17.86 5.51
C PRO A 35 -4.58 -18.36 5.59
N ILE A 36 -5.00 -18.72 6.80
CA ILE A 36 -6.30 -19.32 7.03
C ILE A 36 -7.45 -18.33 6.82
N THR A 37 -8.22 -18.57 5.76
CA THR A 37 -9.48 -17.89 5.53
C THR A 37 -10.46 -18.95 5.04
N PRO A 38 -11.77 -18.67 5.12
CA PRO A 38 -12.73 -19.64 4.61
C PRO A 38 -12.52 -19.96 3.13
N ASP A 39 -11.98 -18.99 2.38
CA ASP A 39 -11.68 -19.15 0.95
C ASP A 39 -10.82 -20.38 0.58
N ILE A 40 -9.99 -20.86 1.51
CA ILE A 40 -9.15 -22.01 1.22
C ILE A 40 -9.98 -23.27 1.01
N ALA A 41 -10.76 -23.62 2.02
CA ALA A 41 -11.54 -24.85 2.00
C ALA A 41 -12.75 -24.71 1.07
N TYR A 42 -13.06 -25.78 0.33
CA TYR A 42 -14.23 -25.82 -0.55
C TYR A 42 -15.51 -25.75 0.26
N ARG A 43 -15.67 -26.73 1.14
CA ARG A 43 -16.89 -26.89 1.92
C ARG A 43 -17.11 -25.75 2.91
N LEU A 44 -16.08 -25.38 3.66
CA LEU A 44 -16.18 -24.23 4.56
C LEU A 44 -16.48 -22.97 3.76
N GLY A 45 -15.68 -22.75 2.72
CA GLY A 45 -15.80 -21.58 1.86
C GLY A 45 -17.15 -21.42 1.17
N SER A 46 -17.88 -22.52 1.02
CA SER A 46 -19.26 -22.48 0.50
C SER A 46 -20.25 -21.93 1.53
N THR A 47 -20.20 -22.44 2.75
CA THR A 47 -21.13 -21.97 3.79
C THR A 47 -20.71 -20.58 4.29
N ALA A 48 -19.43 -20.42 4.60
CA ALA A 48 -18.90 -19.12 5.06
C ALA A 48 -19.22 -17.99 4.09
N ARG A 49 -19.47 -18.35 2.84
CA ARG A 49 -19.97 -17.40 1.85
C ARG A 49 -21.35 -16.84 2.18
N THR A 50 -22.10 -17.52 3.03
CA THR A 50 -23.44 -17.06 3.43
C THR A 50 -23.47 -16.38 4.81
N PHE A 51 -22.29 -16.03 5.32
CA PHE A 51 -22.16 -15.34 6.60
C PHE A 51 -21.10 -14.24 6.51
N GLN A 52 -21.26 -13.20 7.33
CA GLN A 52 -20.32 -12.08 7.36
C GLN A 52 -19.15 -12.35 8.28
N ARG A 53 -19.42 -12.97 9.41
CA ARG A 53 -18.43 -13.06 10.48
C ARG A 53 -18.29 -14.46 11.07
N ILE A 54 -17.04 -14.90 11.16
CA ILE A 54 -16.67 -16.27 11.54
C ILE A 54 -15.80 -16.25 12.79
N LYS A 55 -15.85 -17.35 13.53
CA LYS A 55 -15.10 -17.48 14.77
C LYS A 55 -14.56 -18.89 14.84
N TYR A 56 -13.24 -19.03 14.67
CA TYR A 56 -12.62 -20.34 14.56
C TYR A 56 -12.38 -20.92 15.95
N ARG A 57 -13.18 -21.91 16.34
CA ARG A 57 -13.03 -22.49 17.68
C ARG A 57 -12.02 -23.62 17.74
N SER A 58 -11.80 -24.31 16.61
CA SER A 58 -10.75 -25.35 16.53
C SER A 58 -10.32 -25.66 15.09
N LEU A 59 -9.01 -25.63 14.87
CA LEU A 59 -8.40 -25.99 13.58
C LEU A 59 -7.38 -27.11 13.77
N LYS A 60 -7.62 -28.25 13.12
CA LYS A 60 -6.74 -29.39 13.24
C LYS A 60 -6.14 -29.70 11.88
N PHE A 61 -4.83 -29.55 11.76
CA PHE A 61 -4.14 -29.75 10.49
C PHE A 61 -3.46 -31.11 10.45
N ARG A 62 -3.53 -31.77 9.30
CA ARG A 62 -2.86 -33.04 9.09
C ARG A 62 -1.92 -32.94 7.92
N VAL A 63 -0.62 -33.01 8.20
CA VAL A 63 0.40 -32.93 7.16
C VAL A 63 0.88 -34.33 6.76
N ASN A 64 0.49 -34.76 5.57
CA ASN A 64 0.95 -36.02 5.01
C ASN A 64 1.91 -35.75 3.88
N ALA A 65 3.09 -36.34 3.95
CA ALA A 65 4.03 -36.32 2.84
C ALA A 65 4.07 -37.72 2.26
N GLN A 66 3.84 -37.83 0.95
CA GLN A 66 3.79 -39.14 0.29
C GLN A 66 5.18 -39.57 -0.18
N CYS A 67 6.18 -39.26 0.64
CA CYS A 67 7.58 -39.37 0.28
C CYS A 67 8.02 -40.73 0.76
N ALA A 68 8.40 -41.60 -0.18
CA ALA A 68 8.85 -42.96 0.12
C ALA A 68 9.82 -42.99 1.30
N THR A 69 9.77 -44.05 2.11
CA THR A 69 10.59 -44.12 3.33
C THR A 69 12.08 -44.05 3.04
N THR A 70 12.46 -44.26 1.78
CA THR A 70 13.84 -44.08 1.35
C THR A 70 14.27 -42.61 1.19
N THR A 71 13.34 -41.66 1.29
CA THR A 71 13.68 -40.23 1.20
C THR A 71 14.26 -39.71 2.50
N ALA A 72 15.49 -39.24 2.42
CA ALA A 72 16.13 -38.59 3.55
C ALA A 72 15.64 -37.16 3.64
N GLY A 73 15.96 -36.50 4.76
CA GLY A 73 15.53 -35.13 5.01
C GLY A 73 14.28 -35.11 5.86
N GLY A 74 13.82 -33.89 6.19
CA GLY A 74 12.65 -33.70 7.04
C GLY A 74 12.03 -32.34 6.85
N TYR A 75 11.09 -32.01 7.74
CA TYR A 75 10.37 -30.74 7.68
C TYR A 75 9.97 -30.25 9.06
N VAL A 76 9.55 -28.98 9.11
CA VAL A 76 8.88 -28.45 10.30
C VAL A 76 7.55 -27.84 9.86
N ALA A 77 6.49 -28.24 10.55
CA ALA A 77 5.16 -27.69 10.31
C ALA A 77 4.72 -26.98 11.56
N GLY A 78 3.72 -26.13 11.44
CA GLY A 78 3.27 -25.32 12.57
C GLY A 78 2.44 -24.12 12.17
N PHE A 79 1.82 -23.51 13.18
CA PHE A 79 0.86 -22.44 12.96
C PHE A 79 1.26 -21.17 13.72
N VAL A 80 1.31 -20.07 12.99
CA VAL A 80 1.62 -18.75 13.54
C VAL A 80 0.32 -18.00 13.76
N LYS A 81 0.08 -17.56 14.99
CA LYS A 81 -1.22 -16.93 15.31
C LYS A 81 -1.26 -15.45 15.00
N ASP A 82 -0.82 -15.09 13.79
CA ASP A 82 -0.84 -13.71 13.34
C ASP A 82 -0.91 -13.70 11.81
N ALA A 83 -1.91 -13.01 11.29
CA ALA A 83 -2.05 -12.88 9.84
C ALA A 83 -0.88 -12.10 9.25
N ALA A 84 -0.42 -11.07 9.97
CA ALA A 84 0.60 -10.15 9.45
C ALA A 84 2.00 -10.74 9.47
N ASP A 85 2.34 -11.42 10.56
CA ASP A 85 3.64 -12.07 10.73
C ASP A 85 4.08 -12.77 9.46
N VAL A 86 5.33 -12.53 9.06
CA VAL A 86 5.94 -13.25 7.93
C VAL A 86 7.30 -13.77 8.35
N LEU A 87 7.61 -14.99 7.92
CA LEU A 87 8.77 -15.70 8.44
C LEU A 87 10.08 -15.05 7.99
N PRO A 88 11.15 -15.27 8.77
CA PRO A 88 12.46 -14.77 8.37
C PRO A 88 12.97 -15.45 7.11
N THR A 89 13.98 -14.85 6.50
CA THR A 89 14.65 -15.44 5.34
C THR A 89 15.12 -16.87 5.61
N GLY A 90 15.09 -17.69 4.56
CA GLY A 90 15.30 -19.14 4.63
C GLY A 90 15.86 -19.77 5.90
N THR A 91 17.19 -19.89 5.96
CA THR A 91 17.89 -20.77 6.92
C THR A 91 17.37 -20.76 8.36
N ALA A 92 16.98 -19.59 8.84
CA ALA A 92 16.62 -19.41 10.25
C ALA A 92 15.11 -19.25 10.47
N SER A 93 14.30 -19.73 9.54
CA SER A 93 12.85 -19.71 9.72
C SER A 93 12.45 -20.86 10.63
N ILE A 94 13.24 -21.92 10.58
CA ILE A 94 12.95 -23.15 11.31
C ILE A 94 12.86 -22.98 12.82
N PRO A 95 13.88 -22.36 13.44
CA PRO A 95 13.80 -22.11 14.88
C PRO A 95 12.70 -21.12 15.28
N TYR A 96 12.28 -20.25 14.38
CA TYR A 96 11.16 -19.33 14.64
C TYR A 96 9.86 -20.09 14.69
N LEU A 97 9.55 -20.78 13.59
CA LEU A 97 8.33 -21.57 13.53
C LEU A 97 8.24 -22.52 14.72
N MET A 98 9.34 -23.18 15.06
CA MET A 98 9.36 -24.11 16.19
C MET A 98 8.97 -23.48 17.52
N SER A 99 9.28 -22.20 17.70
CA SER A 99 8.94 -21.48 18.94
C SER A 99 7.44 -21.16 19.04
N ASN A 100 6.73 -21.22 17.90
CA ASN A 100 5.26 -21.18 17.91
C ASN A 100 4.71 -22.50 18.40
N THR A 101 3.94 -22.47 19.48
CA THR A 101 3.40 -23.69 20.08
C THR A 101 2.60 -24.48 19.06
N GLY A 102 2.60 -25.80 19.23
CA GLY A 102 1.93 -26.72 18.32
C GLY A 102 2.77 -27.10 17.12
N SER A 103 4.02 -26.65 17.07
CA SER A 103 4.91 -26.94 15.95
C SER A 103 5.73 -28.19 16.22
N PHE A 104 5.94 -28.99 15.18
CA PHE A 104 6.61 -30.28 15.30
C PHE A 104 7.59 -30.47 14.15
N THR A 105 8.73 -31.10 14.44
CA THR A 105 9.73 -31.45 13.42
C THR A 105 9.73 -32.97 13.14
N GLN A 106 9.82 -33.32 11.86
CA GLN A 106 9.59 -34.70 11.45
C GLN A 106 10.33 -35.04 10.13
N PRO A 107 10.81 -36.30 9.99
CA PRO A 107 11.34 -36.72 8.69
C PRO A 107 10.24 -36.81 7.67
N TRP A 108 10.58 -36.61 6.40
CA TRP A 108 9.59 -36.51 5.34
C TRP A 108 8.55 -37.63 5.32
N TRP A 109 9.01 -38.84 5.58
CA TRP A 109 8.15 -40.03 5.53
C TRP A 109 7.16 -40.18 6.69
N LYS A 110 7.28 -39.33 7.72
CA LYS A 110 6.32 -39.32 8.81
C LYS A 110 5.34 -38.16 8.65
N SER A 111 4.20 -38.25 9.34
CA SER A 111 3.14 -37.24 9.26
C SER A 111 2.93 -36.55 10.60
N THR A 112 2.47 -35.31 10.57
CA THR A 112 2.18 -34.55 11.79
C THR A 112 0.72 -34.11 11.87
N VAL A 113 0.32 -33.75 13.09
CA VAL A 113 -1.05 -33.35 13.42
C VAL A 113 -1.01 -32.16 14.37
N HIS A 114 -1.72 -31.08 14.01
CA HIS A 114 -1.65 -29.82 14.76
C HIS A 114 -3.01 -29.30 15.19
N ASN A 115 -3.33 -29.47 16.47
CA ASN A 115 -4.55 -28.91 17.04
C ASN A 115 -4.33 -27.47 17.50
N VAL A 116 -4.93 -26.53 16.77
CA VAL A 116 -4.87 -25.12 17.09
C VAL A 116 -6.21 -24.68 17.65
N LYS A 117 -6.17 -23.76 18.62
CA LYS A 117 -7.39 -23.17 19.15
C LYS A 117 -7.28 -21.65 19.08
N ILE A 118 -8.33 -21.02 18.56
CA ILE A 118 -8.38 -19.55 18.44
C ILE A 118 -9.73 -18.98 18.90
N PRO A 119 -10.30 -19.53 19.98
CA PRO A 119 -11.60 -19.03 20.43
C PRO A 119 -11.53 -17.60 20.97
N GLN A 120 -12.69 -17.04 21.28
CA GLN A 120 -12.83 -15.65 21.73
C GLN A 120 -12.24 -14.62 20.76
N LYS A 121 -12.32 -14.89 19.46
CA LYS A 121 -11.87 -13.92 18.47
C LYS A 121 -12.75 -14.02 17.24
N LEU A 122 -13.48 -12.95 16.95
CA LEU A 122 -14.44 -12.95 15.85
C LEU A 122 -13.87 -12.26 14.61
N PHE A 123 -13.77 -13.02 13.52
CA PHE A 123 -13.18 -12.52 12.28
C PHE A 123 -14.29 -12.26 11.26
N TYR A 124 -13.96 -11.48 10.24
CA TYR A 124 -14.78 -11.41 9.03
C TYR A 124 -14.41 -12.60 8.14
N THR A 125 -15.23 -12.83 7.14
CA THR A 125 -15.11 -14.00 6.28
C THR A 125 -14.64 -13.65 4.86
N GLU A 126 -14.18 -12.42 4.66
CA GLU A 126 -13.71 -11.96 3.36
C GLU A 126 -12.74 -10.81 3.58
N ALA A 127 -11.71 -10.74 2.75
CA ALA A 127 -10.83 -9.58 2.77
C ALA A 127 -11.63 -8.35 2.38
N PRO A 128 -11.40 -7.22 3.07
CA PRO A 128 -12.20 -6.03 2.80
C PRO A 128 -12.12 -5.63 1.33
N THR A 129 -13.27 -5.45 0.68
CA THR A 129 -13.29 -5.04 -0.72
C THR A 129 -12.88 -3.57 -0.85
N ARG A 130 -13.57 -2.69 -0.11
CA ARG A 130 -13.19 -1.27 -0.06
C ARG A 130 -12.42 -0.99 1.21
N GLY A 131 -11.39 -0.15 1.09
CA GLY A 131 -10.50 0.16 2.21
C GLY A 131 -9.17 -0.56 2.07
N ALA A 132 -8.35 -0.46 3.12
CA ALA A 132 -7.03 -1.10 3.16
C ALA A 132 -7.18 -2.58 3.50
N ASP A 133 -6.17 -3.38 3.11
CA ASP A 133 -6.19 -4.82 3.40
C ASP A 133 -5.62 -5.08 4.79
N ALA A 134 -6.40 -4.78 5.82
CA ALA A 134 -6.03 -5.10 7.19
C ALA A 134 -6.19 -6.60 7.38
N VAL A 135 -5.13 -7.34 7.09
CA VAL A 135 -5.19 -8.80 7.00
C VAL A 135 -5.63 -9.45 8.33
N ARG A 136 -5.30 -8.83 9.46
CA ARG A 136 -5.64 -9.38 10.77
C ARG A 136 -7.14 -9.36 11.09
N GLU A 137 -7.93 -8.63 10.30
CA GLU A 137 -9.38 -8.55 10.48
C GLU A 137 -10.12 -9.84 10.12
N TYR A 138 -9.57 -10.61 9.18
CA TYR A 138 -10.25 -11.80 8.63
C TYR A 138 -9.36 -13.04 8.55
N CYS A 139 -8.27 -13.06 9.29
CA CYS A 139 -7.31 -14.14 9.22
C CYS A 139 -6.66 -14.36 10.60
N PRO A 140 -6.87 -15.55 11.19
CA PRO A 140 -6.39 -15.87 12.53
C PRO A 140 -4.95 -16.37 12.55
N GLY A 141 -4.32 -16.40 11.38
CA GLY A 141 -2.96 -16.90 11.26
C GLY A 141 -2.77 -17.74 10.00
N GLN A 142 -1.52 -18.13 9.78
CA GLN A 142 -1.15 -18.91 8.62
C GLN A 142 -0.45 -20.20 9.04
N PHE A 143 -0.62 -21.23 8.22
CA PHE A 143 -0.04 -22.53 8.49
C PHE A 143 1.13 -22.77 7.55
N HIS A 144 2.29 -23.08 8.14
CA HIS A 144 3.52 -23.29 7.37
C HIS A 144 4.00 -24.72 7.41
N VAL A 145 4.69 -25.12 6.33
CA VAL A 145 5.51 -26.33 6.31
C VAL A 145 6.85 -25.96 5.67
N LEU A 146 7.89 -25.91 6.49
CA LEU A 146 9.22 -25.49 6.04
C LEU A 146 10.09 -26.71 5.84
N VAL A 147 10.88 -26.70 4.77
CA VAL A 147 11.81 -27.79 4.51
C VAL A 147 13.05 -27.62 5.38
N ASP A 148 13.22 -28.57 6.30
CA ASP A 148 14.25 -28.54 7.31
C ASP A 148 15.54 -29.04 6.70
N SER A 149 15.43 -30.17 6.03
CA SER A 149 16.52 -30.75 5.27
C SER A 149 15.94 -31.20 3.95
N LYS A 150 16.49 -30.68 2.86
CA LYS A 150 16.04 -30.97 1.49
C LYS A 150 15.80 -32.47 1.29
N PRO A 151 14.63 -32.85 0.78
CA PRO A 151 14.40 -34.30 0.58
C PRO A 151 15.20 -34.86 -0.59
N SER A 152 15.49 -36.16 -0.52
CA SER A 152 16.39 -36.81 -1.48
C SER A 152 15.68 -37.29 -2.74
N GLN A 153 14.40 -37.65 -2.62
CA GLN A 153 13.65 -38.16 -3.76
C GLN A 153 12.29 -37.47 -3.87
N ILE A 154 11.38 -38.04 -4.65
CA ILE A 154 10.09 -37.42 -4.95
C ILE A 154 9.30 -37.31 -3.66
N CYS A 155 9.15 -36.06 -3.19
CA CYS A 155 8.49 -35.78 -1.93
C CYS A 155 7.34 -34.78 -2.06
N PRO A 156 6.16 -35.25 -2.51
CA PRO A 156 4.96 -34.42 -2.57
C PRO A 156 4.27 -34.32 -1.21
N VAL A 157 3.75 -33.13 -0.89
CA VAL A 157 3.17 -32.87 0.43
C VAL A 157 1.70 -32.48 0.31
N THR A 158 0.92 -32.79 1.35
CA THR A 158 -0.49 -32.41 1.42
C THR A 158 -0.85 -32.01 2.84
N VAL A 159 -1.68 -30.99 2.97
CA VAL A 159 -2.23 -30.62 4.27
C VAL A 159 -3.75 -30.72 4.20
N ASP A 160 -4.34 -31.33 5.22
CA ASP A 160 -5.77 -31.43 5.36
C ASP A 160 -6.16 -30.70 6.65
N LEU A 161 -7.27 -29.96 6.60
CA LEU A 161 -7.78 -29.22 7.75
C LEU A 161 -9.02 -29.91 8.26
N GLU A 162 -9.11 -30.10 9.57
CA GLU A 162 -10.35 -30.57 10.20
C GLU A 162 -10.88 -29.46 11.11
N TRP A 163 -11.81 -28.69 10.56
CA TRP A 163 -12.25 -27.43 11.16
C TRP A 163 -13.60 -27.53 11.84
N VAL A 164 -13.83 -26.60 12.76
CA VAL A 164 -15.09 -26.48 13.46
C VAL A 164 -15.22 -25.01 13.89
N VAL A 165 -16.33 -24.40 13.47
CA VAL A 165 -16.43 -22.95 13.48
C VAL A 165 -17.84 -22.43 13.82
N GLU A 166 -17.89 -21.19 14.30
CA GLU A 166 -19.14 -20.45 14.44
C GLU A 166 -19.23 -19.44 13.30
N LEU A 167 -20.45 -19.19 12.83
CA LEU A 167 -20.71 -18.27 11.72
C LEU A 167 -21.91 -17.36 12.04
N HIS A 168 -21.78 -16.07 11.74
CA HIS A 168 -22.78 -15.06 12.16
C HIS A 168 -23.08 -14.00 11.10
N ASP A 169 -24.14 -13.22 11.36
CA ASP A 169 -24.51 -12.02 10.58
C ASP A 169 -24.71 -12.32 9.10
N ALA A 170 -25.83 -12.94 8.75
CA ALA A 170 -26.00 -13.53 7.41
C ALA A 170 -26.04 -12.55 6.25
N THR A 171 -25.31 -12.89 5.19
CA THR A 171 -25.23 -12.09 3.96
C THR A 171 -24.70 -13.02 2.88
N PHE A 172 -25.00 -12.72 1.63
CA PHE A 172 -24.48 -13.50 0.50
C PHE A 172 -23.39 -12.73 -0.23
N ARG A 173 -22.27 -13.42 -0.47
CA ARG A 173 -21.11 -12.84 -1.13
C ARG A 173 -21.05 -13.33 -2.58
N LYS A 174 -20.19 -12.71 -3.37
CA LYS A 174 -19.89 -13.17 -4.71
C LYS A 174 -18.97 -14.38 -4.63
N GLU A 175 -18.74 -15.02 -5.77
CA GLU A 175 -17.79 -16.12 -5.85
C GLU A 175 -16.37 -15.61 -5.62
N SER A 176 -15.50 -16.47 -5.10
CA SER A 176 -14.10 -16.09 -4.83
C SER A 176 -13.32 -15.89 -6.12
N ASP A 177 -12.59 -14.79 -6.21
CA ASP A 177 -11.67 -14.56 -7.33
C ASP A 177 -10.46 -15.47 -7.15
N GLN A 178 -9.83 -15.86 -8.26
CA GLN A 178 -8.66 -16.73 -8.19
C GLN A 178 -7.46 -15.96 -7.62
N THR A 179 -6.81 -16.55 -6.62
CA THR A 179 -5.67 -15.92 -5.95
C THR A 179 -4.41 -16.04 -6.77
N ALA A 180 -3.38 -15.31 -6.32
CA ALA A 180 -2.09 -15.29 -7.00
C ALA A 180 -1.46 -16.67 -7.08
N ILE A 181 -0.72 -16.88 -8.17
CA ILE A 181 -0.07 -18.14 -8.48
C ILE A 181 1.43 -17.96 -8.46
N SER A 182 2.13 -19.01 -8.02
CA SER A 182 3.58 -19.07 -8.12
C SER A 182 3.96 -20.41 -8.75
N ALA A 183 5.25 -20.54 -9.10
CA ALA A 183 5.76 -21.76 -9.71
C ALA A 183 5.66 -22.95 -8.77
N ILE A 184 5.71 -24.15 -9.33
CA ILE A 184 5.65 -25.38 -8.54
C ILE A 184 7.02 -26.02 -8.45
N VAL A 185 8.06 -25.19 -8.52
CA VAL A 185 9.43 -25.70 -8.58
C VAL A 185 10.45 -24.57 -8.38
N ALA A 186 11.50 -24.86 -7.62
CA ALA A 186 12.46 -23.85 -7.17
C ALA A 186 13.81 -23.91 -7.90
N ASP A 187 13.93 -24.79 -8.89
CA ASP A 187 15.16 -24.87 -9.68
C ASP A 187 15.00 -24.31 -11.10
N HIS A 188 13.98 -23.48 -11.31
CA HIS A 188 13.75 -22.85 -12.61
C HIS A 188 13.38 -21.38 -12.45
N THR A 189 13.58 -20.62 -13.53
CA THR A 189 13.22 -19.20 -13.55
C THR A 189 12.69 -18.79 -14.91
N LEU A 190 11.61 -18.01 -14.92
CA LEU A 190 11.15 -17.34 -16.12
C LEU A 190 12.01 -16.11 -16.33
N ASN A 191 12.27 -15.79 -17.58
CA ASN A 191 13.12 -14.66 -17.92
C ASN A 191 12.66 -13.95 -19.19
N VAL A 192 12.79 -12.63 -19.19
CA VAL A 192 12.72 -11.86 -20.42
C VAL A 192 14.06 -11.19 -20.61
N TYR A 193 14.65 -11.42 -21.79
CA TYR A 193 15.88 -10.77 -22.20
C TYR A 193 15.56 -9.95 -23.43
N GLY A 194 15.89 -8.65 -23.38
CA GLY A 194 15.68 -7.77 -24.51
C GLY A 194 16.96 -7.31 -25.18
N LEU A 195 18.10 -7.86 -24.75
CA LEU A 195 19.40 -7.24 -25.05
C LEU A 195 19.81 -7.33 -26.52
N PRO A 196 20.00 -8.55 -27.08
CA PRO A 196 20.37 -8.59 -28.50
C PRO A 196 19.18 -8.23 -29.39
N ALA A 197 19.07 -6.94 -29.71
CA ALA A 197 17.88 -6.34 -30.32
C ALA A 197 17.50 -6.93 -31.67
N THR A 198 18.45 -7.61 -32.31
CA THR A 198 18.20 -8.25 -33.60
C THR A 198 17.66 -9.68 -33.44
N SER A 199 17.36 -10.09 -32.20
CA SER A 199 16.87 -11.44 -31.92
C SER A 199 15.38 -11.60 -32.23
N ASN A 200 15.01 -12.83 -32.55
CA ASN A 200 13.64 -13.15 -32.95
C ASN A 200 12.73 -13.12 -31.74
N ARG A 201 13.14 -13.85 -30.69
CA ARG A 201 12.38 -13.92 -29.45
C ARG A 201 13.08 -13.08 -28.38
N VAL A 202 12.72 -11.80 -28.36
CA VAL A 202 13.40 -10.80 -27.51
C VAL A 202 12.45 -10.14 -26.48
N GLY A 203 11.13 -10.19 -26.73
CA GLY A 203 10.14 -9.76 -25.75
C GLY A 203 9.47 -10.95 -25.08
N HIS A 204 9.99 -12.15 -25.36
CA HIS A 204 9.33 -13.40 -25.00
C HIS A 204 9.71 -13.86 -23.61
N ILE A 205 8.79 -14.59 -22.99
CA ILE A 205 9.06 -15.20 -21.70
C ILE A 205 9.69 -16.55 -22.02
N LEU A 206 10.77 -16.85 -21.30
CA LEU A 206 11.53 -18.08 -21.51
C LEU A 206 11.78 -18.72 -20.14
N ILE A 207 11.98 -20.04 -20.13
CA ILE A 207 12.31 -20.76 -18.89
C ILE A 207 13.78 -21.14 -18.93
N SER A 208 14.55 -20.61 -17.99
CA SER A 208 15.93 -21.00 -17.84
C SER A 208 16.02 -21.91 -16.64
N PRO A 209 16.49 -23.16 -16.85
CA PRO A 209 17.00 -23.92 -15.71
C PRO A 209 18.12 -23.08 -15.12
N ILE A 210 18.06 -22.85 -13.81
CA ILE A 210 18.98 -21.91 -13.18
C ILE A 210 20.42 -22.13 -13.67
N GLY A 211 20.75 -23.40 -13.96
CA GLY A 211 22.06 -23.78 -14.51
C GLY A 211 22.39 -23.28 -15.92
N GLN A 212 21.60 -23.70 -16.91
CA GLN A 212 22.02 -23.58 -18.32
C GLN A 212 21.25 -22.50 -19.11
N THR A 213 21.41 -22.52 -20.44
CA THR A 213 20.84 -21.50 -21.32
C THR A 213 19.31 -21.61 -21.41
N PRO A 214 18.62 -20.46 -21.51
CA PRO A 214 17.15 -20.40 -21.48
C PRO A 214 16.46 -21.01 -22.72
N LYS A 215 15.31 -21.66 -22.49
CA LYS A 215 14.51 -22.27 -23.55
C LYS A 215 13.19 -21.52 -23.77
N ASP A 216 12.58 -21.75 -24.92
CA ASP A 216 11.27 -21.18 -25.25
C ASP A 216 10.21 -21.85 -24.40
N LEU A 217 9.06 -21.18 -24.24
CA LEU A 217 7.97 -21.75 -23.43
C LEU A 217 7.06 -22.71 -24.20
N THR A 218 7.42 -23.99 -24.22
CA THR A 218 6.50 -25.01 -24.67
C THR A 218 5.43 -25.14 -23.60
N PRO A 219 4.16 -25.33 -24.00
CA PRO A 219 3.11 -25.54 -23.00
C PRO A 219 3.47 -26.60 -21.97
N THR A 220 4.12 -27.66 -22.43
CA THR A 220 4.58 -28.74 -21.57
C THR A 220 5.56 -28.23 -20.50
N ARG A 221 6.45 -27.31 -20.88
CA ARG A 221 7.36 -26.66 -19.93
C ARG A 221 6.59 -25.74 -18.98
N PHE A 222 5.72 -24.91 -19.56
CA PHE A 222 4.84 -24.03 -18.78
C PHE A 222 4.16 -24.83 -17.67
N ALA A 223 3.70 -26.02 -18.03
CA ALA A 223 3.04 -26.91 -17.08
C ALA A 223 3.98 -27.37 -15.95
N THR A 224 5.21 -27.76 -16.29
CA THR A 224 6.17 -28.22 -15.28
C THR A 224 6.55 -27.11 -14.31
N PHE A 225 6.49 -25.88 -14.78
CA PHE A 225 6.83 -24.71 -13.99
C PHE A 225 5.65 -24.24 -13.16
N PHE A 226 4.46 -24.17 -13.77
CA PHE A 226 3.27 -23.59 -13.13
C PHE A 226 2.28 -24.61 -12.54
N GLY A 227 2.34 -25.84 -13.01
CA GLY A 227 1.47 -26.92 -12.50
C GLY A 227 0.35 -27.32 -13.44
N PHE A 228 -0.04 -26.40 -14.33
CA PHE A 228 -1.18 -26.58 -15.24
C PHE A 228 -0.84 -26.17 -16.66
N LEU A 229 -1.70 -26.51 -17.61
CA LEU A 229 -1.42 -26.22 -19.02
C LEU A 229 -2.08 -24.93 -19.48
N PRO A 230 -1.37 -24.15 -20.31
CA PRO A 230 -1.82 -22.84 -20.75
C PRO A 230 -2.83 -22.92 -21.88
N ASP A 231 -3.77 -21.98 -21.89
CA ASP A 231 -4.71 -21.81 -22.99
C ASP A 231 -4.45 -20.47 -23.68
N ASP A 232 -5.10 -20.26 -24.82
CA ASP A 232 -4.87 -19.06 -25.64
C ASP A 232 -5.34 -17.75 -24.99
N LYS A 233 -6.09 -17.83 -23.89
CA LYS A 233 -6.45 -16.67 -23.09
C LYS A 233 -5.94 -16.79 -21.65
N PHE A 234 -4.67 -17.16 -21.52
CA PHE A 234 -3.97 -17.06 -20.24
C PHE A 234 -3.35 -15.66 -20.17
N CYS A 235 -3.82 -14.88 -19.20
CA CYS A 235 -3.20 -13.58 -18.89
C CYS A 235 -3.03 -13.43 -17.39
N VAL A 236 -1.84 -13.02 -16.99
CA VAL A 236 -1.49 -12.95 -15.58
C VAL A 236 -0.78 -11.64 -15.27
N ARG A 237 -1.12 -11.04 -14.13
CA ARG A 237 -0.56 -9.76 -13.73
C ARG A 237 0.85 -9.96 -13.18
N ILE A 238 1.74 -9.05 -13.54
CA ILE A 238 3.16 -9.16 -13.22
C ILE A 238 3.41 -8.50 -11.86
N PRO A 239 4.31 -9.08 -11.05
CA PRO A 239 4.59 -8.52 -9.72
C PRO A 239 5.10 -7.08 -9.72
N THR A 240 6.09 -6.80 -10.56
CA THR A 240 6.58 -5.43 -10.75
C THR A 240 6.79 -5.14 -12.23
N PRO A 241 6.24 -4.00 -12.71
CA PRO A 241 6.18 -3.73 -14.14
C PRO A 241 7.54 -3.67 -14.80
N VAL A 242 7.60 -4.15 -16.04
CA VAL A 242 8.84 -4.17 -16.83
C VAL A 242 8.80 -3.05 -17.87
N ASP A 243 9.85 -2.23 -17.89
CA ASP A 243 9.89 -1.08 -18.78
C ASP A 243 10.16 -1.53 -20.23
N VAL A 244 9.38 -0.99 -21.16
CA VAL A 244 9.50 -1.28 -22.57
C VAL A 244 9.47 0.04 -23.33
N VAL A 245 10.20 0.13 -24.44
CA VAL A 245 10.31 1.37 -25.17
C VAL A 245 10.10 1.15 -26.66
N LEU A 246 8.96 1.60 -27.16
CA LEU A 246 8.64 1.53 -28.58
C LEU A 246 9.27 2.68 -29.32
N THR A 247 9.35 2.56 -30.64
CA THR A 247 10.04 3.57 -31.45
C THR A 247 9.83 3.39 -32.96
N GLY A 248 10.35 4.34 -33.72
CA GLY A 248 10.33 4.30 -35.18
C GLY A 248 9.85 5.59 -35.81
N ASP A 249 10.72 6.24 -36.58
CA ASP A 249 10.35 7.44 -37.38
C ASP A 249 9.89 8.63 -36.54
N ASN A 250 10.82 9.23 -35.79
CA ASN A 250 10.54 10.41 -34.96
C ASN A 250 9.33 10.24 -34.04
N VAL A 251 9.05 8.99 -33.67
CA VAL A 251 7.96 8.66 -32.75
C VAL A 251 8.59 7.81 -31.66
N TYR A 252 8.31 8.18 -30.41
CA TYR A 252 8.84 7.48 -29.24
C TYR A 252 7.73 7.37 -28.20
N GLN A 253 7.71 6.25 -27.48
CA GLN A 253 6.75 6.05 -26.39
C GLN A 253 7.21 4.90 -25.49
N SER A 254 7.29 5.16 -24.19
CA SER A 254 7.63 4.12 -23.22
C SER A 254 6.36 3.44 -22.72
N VAL A 255 6.44 2.14 -22.47
CA VAL A 255 5.28 1.34 -22.10
C VAL A 255 5.56 0.48 -20.86
N GLU A 256 4.75 0.69 -19.83
CA GLU A 256 4.81 -0.09 -18.60
C GLU A 256 4.20 -1.49 -18.86
N ALA A 257 5.05 -2.50 -18.99
CA ALA A 257 4.59 -3.88 -19.24
C ALA A 257 4.12 -4.53 -17.94
N THR A 258 2.79 -4.61 -17.80
CA THR A 258 2.17 -5.03 -16.55
C THR A 258 1.72 -6.48 -16.53
N HIS A 259 1.71 -7.15 -17.69
CA HIS A 259 1.21 -8.52 -17.77
C HIS A 259 2.04 -9.40 -18.67
N ILE A 260 1.84 -10.70 -18.50
CA ILE A 260 2.33 -11.69 -19.43
C ILE A 260 1.11 -12.30 -20.10
N ARG A 261 0.93 -11.99 -21.38
CA ARG A 261 -0.20 -12.50 -22.14
C ARG A 261 0.23 -13.71 -22.94
N ALA A 262 -0.72 -14.59 -23.18
CA ALA A 262 -0.51 -15.70 -24.07
C ALA A 262 -1.14 -15.35 -25.42
N TYR A 263 -0.34 -15.32 -26.47
CA TYR A 263 -0.82 -14.98 -27.82
C TYR A 263 -0.52 -16.12 -28.78
N LEU A 264 -1.02 -16.02 -30.01
CA LEU A 264 -0.87 -17.11 -31.00
C LEU A 264 0.37 -16.92 -31.86
N VAL A 265 1.11 -18.01 -32.07
CA VAL A 265 2.49 -17.93 -32.54
C VAL A 265 2.61 -17.84 -34.07
N ASN A 266 2.06 -18.81 -34.80
CA ASN A 266 2.15 -18.84 -36.28
C ASN A 266 0.84 -19.32 -36.88
N GLY A 267 0.06 -18.40 -37.43
CA GLY A 267 -1.20 -18.74 -38.09
C GLY A 267 -2.14 -19.54 -37.22
N GLY A 268 -2.33 -19.08 -35.98
CA GLY A 268 -3.31 -19.65 -35.07
C GLY A 268 -3.28 -21.16 -34.86
N LEU A 269 -2.09 -21.74 -34.75
CA LEU A 269 -1.94 -23.16 -34.36
C LEU A 269 -1.10 -23.38 -33.11
N GLY A 270 -0.15 -22.48 -32.85
CA GLY A 270 0.68 -22.56 -31.65
C GLY A 270 0.36 -21.42 -30.70
N ILE A 271 1.15 -21.34 -29.62
CA ILE A 271 0.90 -20.36 -28.55
C ILE A 271 2.23 -20.00 -27.89
N ASP A 272 2.40 -18.71 -27.59
CA ASP A 272 3.63 -18.21 -26.99
C ASP A 272 3.29 -17.10 -25.98
N PHE A 273 4.26 -16.78 -25.13
CA PHE A 273 4.07 -15.83 -24.04
C PHE A 273 4.94 -14.58 -24.18
N HIS A 274 4.34 -13.43 -23.89
CA HIS A 274 4.97 -12.15 -24.18
C HIS A 274 4.64 -11.13 -23.11
N LEU A 275 5.55 -10.19 -22.91
CA LEU A 275 5.26 -9.01 -22.08
C LEU A 275 4.08 -8.28 -22.70
N ALA A 276 3.22 -7.71 -21.87
CA ALA A 276 2.00 -7.12 -22.36
C ALA A 276 1.52 -5.96 -21.49
N ALA A 277 0.65 -5.14 -22.06
CA ALA A 277 0.06 -4.03 -21.34
C ALA A 277 -1.35 -3.75 -21.84
N TYR A 278 -2.15 -3.06 -21.02
CA TYR A 278 -3.49 -2.65 -21.40
C TYR A 278 -3.42 -1.61 -22.52
N ASN A 279 -3.94 -1.96 -23.68
CA ASN A 279 -3.91 -1.07 -24.83
C ASN A 279 -5.19 -0.26 -24.91
N ASP A 280 -5.07 1.05 -24.70
CA ASP A 280 -6.23 1.95 -24.62
C ASP A 280 -7.01 2.05 -25.94
N THR A 281 -6.39 1.61 -27.04
CA THR A 281 -7.07 1.51 -28.33
C THR A 281 -8.10 0.39 -28.34
N THR A 282 -7.67 -0.80 -27.95
CA THR A 282 -8.53 -1.97 -27.99
C THR A 282 -9.26 -2.23 -26.69
N HIS A 283 -8.86 -1.51 -25.64
CA HIS A 283 -9.38 -1.73 -24.29
C HIS A 283 -9.12 -3.15 -23.80
N THR A 284 -8.00 -3.73 -24.23
CA THR A 284 -7.60 -5.07 -23.82
C THR A 284 -6.11 -5.12 -23.57
N ILE A 285 -5.67 -6.04 -22.71
CA ILE A 285 -4.26 -6.26 -22.48
C ILE A 285 -3.70 -7.00 -23.69
N GLN A 286 -2.73 -6.39 -24.35
CA GLN A 286 -2.15 -6.96 -25.57
C GLN A 286 -0.63 -7.14 -25.46
N PRO A 287 -0.07 -8.10 -26.21
CA PRO A 287 1.37 -8.27 -26.28
C PRO A 287 2.01 -7.07 -26.96
N ILE A 288 3.07 -6.54 -26.37
CA ILE A 288 3.67 -5.28 -26.83
C ILE A 288 4.60 -5.51 -28.00
N ILE A 289 4.00 -5.81 -29.15
CA ILE A 289 4.73 -5.94 -30.41
C ILE A 289 4.62 -4.61 -31.14
N PRO A 290 5.75 -4.05 -31.60
CA PRO A 290 5.78 -2.68 -32.15
C PRO A 290 4.81 -2.46 -33.30
N THR A 291 4.80 -3.42 -34.22
CA THR A 291 3.98 -3.34 -35.41
C THR A 291 2.48 -3.49 -35.13
N LEU A 292 2.15 -4.07 -33.98
CA LEU A 292 0.76 -4.32 -33.60
C LEU A 292 0.22 -3.33 -32.56
N TRP A 293 1.11 -2.64 -31.86
CA TRP A 293 0.72 -1.71 -30.79
C TRP A 293 0.18 -0.42 -31.40
N ASN A 294 -1.13 -0.22 -31.24
CA ASN A 294 -1.80 0.98 -31.74
C ASN A 294 -1.88 2.04 -30.65
N VAL A 295 -1.89 3.31 -31.06
CA VAL A 295 -2.05 4.42 -30.13
C VAL A 295 -2.89 5.53 -30.74
N TYR A 296 -3.62 6.25 -29.88
CA TYR A 296 -4.32 7.45 -30.30
C TYR A 296 -3.30 8.56 -30.51
N ASP A 297 -3.65 9.50 -31.37
CA ASP A 297 -2.93 10.76 -31.48
C ASP A 297 -3.89 11.87 -31.12
N VAL A 298 -3.40 13.11 -31.10
CA VAL A 298 -4.20 14.25 -30.63
C VAL A 298 -5.53 14.36 -31.35
N THR A 299 -5.57 13.94 -32.62
CA THR A 299 -6.79 13.97 -33.43
C THR A 299 -7.85 12.98 -32.92
N GLY A 300 -7.40 11.95 -32.21
CA GLY A 300 -8.29 10.91 -31.72
C GLY A 300 -8.29 9.69 -32.63
N ALA A 301 -7.42 9.70 -33.64
CA ALA A 301 -7.33 8.61 -34.60
C ALA A 301 -6.28 7.57 -34.18
N VAL A 302 -6.55 6.32 -34.53
CA VAL A 302 -5.67 5.22 -34.16
C VAL A 302 -4.61 5.02 -35.23
N THR A 303 -3.39 4.73 -34.79
CA THR A 303 -2.26 4.50 -35.68
C THR A 303 -1.24 3.55 -35.04
N ALA A 304 -0.54 2.79 -35.88
CA ALA A 304 0.46 1.82 -35.42
C ALA A 304 1.84 2.17 -35.97
N PRO A 305 2.36 3.35 -35.58
CA PRO A 305 3.60 3.87 -36.18
C PRO A 305 4.89 3.17 -35.74
N PHE A 306 4.81 2.25 -34.78
CA PHE A 306 6.01 1.67 -34.19
C PHE A 306 6.58 0.49 -34.99
N THR A 307 7.90 0.44 -35.07
CA THR A 307 8.63 -0.55 -35.86
C THR A 307 9.64 -1.34 -35.02
N SER A 308 10.41 -0.64 -34.19
CA SER A 308 11.36 -1.29 -33.27
C SER A 308 10.93 -1.14 -31.81
N ALA A 309 11.50 -1.98 -30.94
CA ALA A 309 11.23 -1.91 -29.51
C ALA A 309 12.36 -2.53 -28.69
N ILE A 310 12.52 -2.02 -27.46
CA ILE A 310 13.57 -2.48 -26.57
C ILE A 310 12.99 -2.82 -25.20
N TYR A 311 13.21 -4.05 -24.78
CA TYR A 311 12.69 -4.56 -23.53
C TYR A 311 13.82 -4.60 -22.50
N ASP A 312 13.54 -4.10 -21.31
CA ASP A 312 14.48 -4.24 -20.22
C ASP A 312 14.40 -5.70 -19.78
N ASN A 313 15.53 -6.25 -19.38
CA ASN A 313 15.57 -7.63 -18.94
C ASN A 313 14.84 -7.78 -17.61
N HIS A 314 14.34 -8.99 -17.33
CA HIS A 314 13.76 -9.27 -16.03
C HIS A 314 13.86 -10.75 -15.72
N VAL A 315 13.73 -11.09 -14.44
CA VAL A 315 13.73 -12.46 -13.99
C VAL A 315 12.61 -12.68 -12.99
N TRP A 316 11.93 -13.81 -13.14
CA TRP A 316 10.93 -14.22 -12.18
C TRP A 316 11.35 -15.55 -11.61
N THR A 317 10.96 -15.80 -10.37
CA THR A 317 11.38 -16.99 -9.64
C THR A 317 10.18 -17.71 -9.05
N HIS A 318 10.45 -18.82 -8.38
CA HIS A 318 9.44 -19.51 -7.60
C HIS A 318 8.83 -18.64 -6.50
N LYS A 319 9.57 -17.63 -6.04
CA LYS A 319 9.07 -16.70 -5.02
C LYS A 319 8.14 -15.61 -5.54
N ASP A 320 7.98 -15.49 -6.86
CA ASP A 320 7.12 -14.44 -7.45
C ASP A 320 5.64 -14.82 -7.50
N LYS A 321 4.77 -13.81 -7.33
CA LYS A 321 3.32 -14.00 -7.25
C LYS A 321 2.60 -13.39 -8.43
N PHE A 322 2.12 -14.23 -9.35
CA PHE A 322 1.41 -13.77 -10.54
C PHE A 322 -0.10 -13.84 -10.34
N VAL A 323 -0.81 -12.76 -10.66
CA VAL A 323 -2.26 -12.73 -10.48
C VAL A 323 -2.97 -13.05 -11.80
N PRO A 324 -3.70 -14.17 -11.84
CA PRO A 324 -4.50 -14.48 -13.03
C PRO A 324 -5.60 -13.46 -13.24
N VAL A 325 -5.68 -12.94 -14.47
CA VAL A 325 -6.69 -11.95 -14.83
C VAL A 325 -7.17 -12.17 -16.25
N SER A 326 -8.34 -11.62 -16.56
CA SER A 326 -8.84 -11.61 -17.93
C SER A 326 -8.07 -10.58 -18.75
N PHE A 327 -8.47 -10.39 -20.01
CA PHE A 327 -7.82 -9.41 -20.87
C PHE A 327 -8.25 -7.99 -20.53
N GLN A 328 -9.23 -7.85 -19.64
CA GLN A 328 -9.69 -6.56 -19.14
C GLN A 328 -9.06 -6.25 -17.78
N ASP A 329 -8.10 -7.07 -17.37
CA ASP A 329 -7.47 -6.95 -16.06
C ASP A 329 -8.50 -7.16 -14.94
N GLU A 330 -9.48 -8.02 -15.20
CA GLU A 330 -10.44 -8.44 -14.19
C GLU A 330 -9.99 -9.75 -13.55
N PRO A 331 -9.96 -9.81 -12.22
CA PRO A 331 -9.61 -11.10 -11.61
C PRO A 331 -10.68 -12.13 -11.93
N ILE A 332 -10.28 -13.23 -12.55
CA ILE A 332 -11.25 -14.27 -12.91
C ILE A 332 -11.69 -15.02 -11.64
N PRO A 333 -12.96 -15.45 -11.61
CA PRO A 333 -13.41 -16.22 -10.47
C PRO A 333 -12.72 -17.57 -10.38
N GLY A 334 -12.62 -18.10 -9.16
CA GLY A 334 -11.89 -19.33 -8.89
C GLY A 334 -12.37 -20.53 -9.67
N THR A 335 -13.69 -20.72 -9.73
CA THR A 335 -14.27 -21.87 -10.41
C THR A 335 -13.97 -21.84 -11.92
N VAL A 336 -13.95 -20.65 -12.50
CA VAL A 336 -13.62 -20.50 -13.91
C VAL A 336 -12.17 -20.90 -14.13
N PHE A 337 -11.28 -20.43 -13.25
CA PHE A 337 -9.87 -20.81 -13.32
C PHE A 337 -9.68 -22.32 -13.16
N ASP A 338 -10.29 -22.89 -12.14
CA ASP A 338 -10.19 -24.34 -11.89
C ASP A 338 -10.66 -25.16 -13.08
N TYR A 339 -11.57 -24.60 -13.87
CA TYR A 339 -12.08 -25.28 -15.08
C TYR A 339 -11.11 -25.18 -16.26
N LEU A 340 -10.59 -23.98 -16.53
CA LEU A 340 -9.65 -23.77 -17.64
C LEU A 340 -8.27 -24.38 -17.37
N TYR A 341 -7.96 -24.66 -16.11
CA TYR A 341 -6.62 -25.04 -15.72
C TYR A 341 -6.63 -26.18 -14.73
N PRO A 342 -7.14 -27.34 -15.16
CA PRO A 342 -7.02 -28.50 -14.29
C PRO A 342 -5.56 -28.69 -13.89
N ARG A 343 -5.34 -28.92 -12.60
CA ARG A 343 -4.01 -29.15 -12.07
C ARG A 343 -3.41 -30.47 -12.58
N SER A 344 -2.07 -30.51 -12.65
CA SER A 344 -1.29 -31.65 -13.21
C SER A 344 -1.45 -31.77 -14.74
N SER B 5 -3.47 -20.36 28.85
CA SER B 5 -2.54 -21.36 29.43
C SER B 5 -1.08 -20.97 29.23
N ASN B 6 -0.72 -20.62 27.98
CA ASN B 6 0.62 -20.10 27.69
C ASN B 6 0.78 -18.69 28.23
N SER B 7 -0.34 -17.98 28.34
CA SER B 7 -0.36 -16.56 28.67
C SER B 7 0.10 -16.23 30.09
N ILE B 8 0.69 -15.04 30.22
CA ILE B 8 1.32 -14.61 31.47
C ILE B 8 0.92 -13.21 31.88
N LEU B 9 1.24 -12.88 33.12
CA LEU B 9 1.10 -11.53 33.64
C LEU B 9 2.47 -11.01 34.02
N LEU B 10 2.96 -10.00 33.30
CA LEU B 10 4.29 -9.42 33.52
C LEU B 10 4.19 -8.04 34.17
N LYS B 11 4.82 -7.88 35.33
CA LYS B 11 5.02 -6.56 35.91
C LYS B 11 6.47 -6.14 35.67
N GLY B 12 6.69 -4.84 35.48
CA GLY B 12 8.03 -4.31 35.33
C GLY B 12 8.10 -2.79 35.30
N CYS B 13 9.32 -2.28 35.26
CA CYS B 13 9.59 -0.85 35.18
C CYS B 13 10.77 -0.61 34.24
N ASP B 14 10.71 0.44 33.43
CA ASP B 14 11.73 0.68 32.42
C ASP B 14 11.86 2.14 31.99
N ARG B 15 13.08 2.50 31.60
CA ARG B 15 13.34 3.82 31.02
C ARG B 15 12.73 3.87 29.62
N ILE B 16 12.01 4.96 29.34
CA ILE B 16 11.39 5.14 28.03
C ILE B 16 12.25 6.09 27.22
N VAL B 17 12.48 7.27 27.77
CA VAL B 17 13.42 8.23 27.19
C VAL B 17 14.56 8.46 28.16
N THR B 18 15.77 8.62 27.63
CA THR B 18 16.95 8.87 28.43
C THR B 18 17.11 10.36 28.66
N VAL B 19 17.99 10.68 29.60
CA VAL B 19 18.20 12.05 30.05
C VAL B 19 18.50 12.95 28.84
N VAL B 20 17.78 14.07 28.75
CA VAL B 20 18.02 15.07 27.72
C VAL B 20 17.95 16.42 28.40
N ASP B 21 18.58 17.43 27.80
CA ASP B 21 18.48 18.79 28.33
C ASP B 21 17.36 19.53 27.60
N ALA B 22 16.29 19.82 28.33
CA ALA B 22 15.11 20.47 27.77
C ALA B 22 15.37 21.90 27.31
N SER B 23 16.42 22.51 27.84
CA SER B 23 16.74 23.91 27.52
C SER B 23 17.23 24.16 26.09
N THR B 24 17.47 23.09 25.34
CA THR B 24 17.87 23.21 23.93
C THR B 24 16.67 23.14 22.98
N TYR B 25 15.52 22.67 23.48
CA TYR B 25 14.33 22.51 22.67
C TYR B 25 13.55 23.82 22.64
N ASP B 26 12.94 24.10 21.49
CA ASP B 26 12.14 25.30 21.31
C ASP B 26 10.77 25.09 21.93
N ALA B 27 10.01 26.17 22.04
CA ALA B 27 8.63 26.08 22.49
C ALA B 27 7.79 25.42 21.40
N GLY B 28 6.91 24.51 21.81
CA GLY B 28 6.02 23.83 20.86
C GLY B 28 6.51 22.44 20.47
N SER B 29 7.82 22.30 20.29
CA SER B 29 8.41 21.00 19.97
C SER B 29 8.31 20.04 21.15
N ALA B 30 8.27 18.75 20.83
CA ALA B 30 8.13 17.72 21.84
C ALA B 30 9.50 17.22 22.24
N ILE B 31 9.67 16.96 23.54
CA ILE B 31 10.80 16.17 24.02
C ILE B 31 10.46 14.70 23.89
N VAL B 32 9.17 14.37 23.94
CA VAL B 32 8.70 13.02 23.67
C VAL B 32 7.40 13.02 22.86
N SER B 33 7.34 12.14 21.87
CA SER B 33 6.08 11.80 21.20
C SER B 33 6.19 10.35 20.76
N ILE B 34 5.71 9.44 21.62
CA ILE B 34 6.06 8.03 21.47
C ILE B 34 4.84 7.10 21.45
N PRO B 35 4.56 6.49 20.29
CA PRO B 35 3.54 5.44 20.23
C PRO B 35 3.91 4.23 21.08
N ILE B 36 2.97 3.78 21.92
CA ILE B 36 3.23 2.69 22.84
C ILE B 36 3.19 1.35 22.11
N THR B 37 4.34 0.70 22.07
CA THR B 37 4.44 -0.70 21.65
C THR B 37 5.44 -1.35 22.59
N PRO B 38 5.28 -2.65 22.86
CA PRO B 38 6.18 -3.28 23.82
C PRO B 38 7.66 -3.03 23.50
N ASP B 39 7.97 -2.79 22.22
CA ASP B 39 9.35 -2.65 21.77
C ASP B 39 10.12 -1.43 22.31
N ILE B 40 9.44 -0.49 22.99
CA ILE B 40 10.16 0.62 23.65
C ILE B 40 10.89 0.22 24.95
N ALA B 41 10.19 -0.41 25.88
CA ALA B 41 10.85 -0.81 27.12
C ALA B 41 11.77 -2.01 26.85
N TYR B 42 12.87 -2.09 27.59
CA TYR B 42 13.79 -3.22 27.44
C TYR B 42 13.20 -4.52 28.00
N ARG B 43 12.96 -4.55 29.31
CA ARG B 43 12.39 -5.73 29.98
C ARG B 43 11.06 -6.15 29.36
N LEU B 44 10.18 -5.18 29.12
CA LEU B 44 8.87 -5.45 28.54
C LEU B 44 9.05 -5.98 27.13
N GLY B 45 9.82 -5.26 26.33
CA GLY B 45 10.07 -5.64 24.96
C GLY B 45 10.56 -7.06 24.84
N SER B 46 11.65 -7.36 25.55
CA SER B 46 12.35 -8.63 25.35
C SER B 46 11.51 -9.87 25.73
N THR B 47 10.52 -9.70 26.59
CA THR B 47 9.59 -10.77 26.90
C THR B 47 8.44 -10.79 25.90
N ALA B 48 7.88 -9.62 25.59
CA ALA B 48 6.71 -9.51 24.72
C ALA B 48 6.99 -9.85 23.26
N ARG B 49 8.27 -9.88 22.88
CA ARG B 49 8.67 -10.42 21.59
C ARG B 49 8.40 -11.91 21.48
N THR B 50 8.34 -12.59 22.64
CA THR B 50 7.99 -14.01 22.68
C THR B 50 6.48 -14.21 22.86
N PHE B 51 5.67 -13.21 22.49
CA PHE B 51 4.21 -13.32 22.52
C PHE B 51 3.61 -12.57 21.31
N GLN B 52 2.39 -12.94 20.96
CA GLN B 52 1.74 -12.40 19.77
C GLN B 52 0.87 -11.21 20.10
N ARG B 53 0.04 -11.36 21.13
CA ARG B 53 -0.92 -10.34 21.53
C ARG B 53 -0.62 -9.85 22.94
N ILE B 54 -1.20 -8.70 23.29
CA ILE B 54 -0.93 -8.03 24.56
C ILE B 54 -2.08 -7.13 24.99
N LYS B 55 -2.35 -7.11 26.30
CA LYS B 55 -3.27 -6.16 26.93
C LYS B 55 -2.52 -5.36 27.96
N TYR B 56 -2.76 -4.05 28.00
CA TYR B 56 -2.07 -3.16 28.95
C TYR B 56 -2.91 -2.91 30.20
N ARG B 57 -2.75 -3.79 31.20
CA ARG B 57 -3.41 -3.62 32.50
C ARG B 57 -3.20 -2.19 32.97
N SER B 58 -1.93 -1.84 33.21
CA SER B 58 -1.57 -0.55 33.80
C SER B 58 -0.39 0.09 33.10
N LEU B 59 -0.46 1.41 32.94
CA LEU B 59 0.68 2.20 32.45
C LEU B 59 0.76 3.51 33.20
N LYS B 60 1.85 3.68 33.95
CA LYS B 60 2.12 4.92 34.68
C LYS B 60 3.41 5.51 34.18
N PHE B 61 3.34 6.71 33.62
CA PHE B 61 4.51 7.39 33.09
C PHE B 61 5.11 8.29 34.17
N ARG B 62 6.43 8.19 34.36
CA ARG B 62 7.12 9.06 35.31
C ARG B 62 7.95 10.07 34.54
N VAL B 63 7.58 11.35 34.66
CA VAL B 63 8.34 12.45 34.07
C VAL B 63 9.18 13.11 35.15
N ASN B 64 10.49 12.83 35.14
CA ASN B 64 11.44 13.41 36.09
C ASN B 64 12.20 14.56 35.46
N ALA B 65 12.23 15.68 36.16
CA ALA B 65 12.95 16.85 35.72
C ALA B 65 13.82 17.34 36.89
N GLN B 66 15.13 17.12 36.77
CA GLN B 66 16.05 17.27 37.90
C GLN B 66 16.68 18.67 37.90
N CYS B 67 15.87 19.69 38.13
CA CYS B 67 16.35 21.08 38.14
C CYS B 67 15.67 21.91 39.23
N ALA B 68 16.28 23.04 39.58
CA ALA B 68 15.82 23.85 40.72
C ALA B 68 14.64 24.75 40.37
N THR B 69 14.00 25.30 41.41
CA THR B 69 12.85 26.17 41.25
C THR B 69 13.16 27.45 40.46
N THR B 70 14.44 27.81 40.40
CA THR B 70 14.89 28.96 39.64
C THR B 70 14.51 28.87 38.16
N THR B 71 14.39 27.65 37.64
CA THR B 71 14.10 27.51 36.21
C THR B 71 12.63 27.78 35.96
N ALA B 72 12.39 28.74 35.07
CA ALA B 72 11.05 29.11 34.66
C ALA B 72 10.64 28.27 33.47
N GLY B 73 9.34 28.27 33.22
CA GLY B 73 8.76 27.50 32.11
C GLY B 73 8.15 26.22 32.61
N GLY B 74 7.37 25.58 31.73
CA GLY B 74 6.70 24.35 32.07
C GLY B 74 6.63 23.39 30.91
N TYR B 75 6.10 22.20 31.19
CA TYR B 75 5.91 21.18 30.19
C TYR B 75 4.45 20.75 30.18
N VAL B 76 4.05 20.10 29.11
CA VAL B 76 2.70 19.61 28.95
C VAL B 76 2.74 18.16 28.50
N ALA B 77 2.16 17.29 29.31
CA ALA B 77 2.10 15.87 29.00
C ALA B 77 0.66 15.41 28.83
N GLY B 78 0.52 14.17 28.38
CA GLY B 78 -0.79 13.54 28.23
C GLY B 78 -0.71 12.34 27.33
N PHE B 79 -1.80 11.59 27.27
CA PHE B 79 -1.86 10.42 26.39
C PHE B 79 -3.02 10.57 25.40
N VAL B 80 -2.68 10.51 24.11
CA VAL B 80 -3.67 10.48 23.05
C VAL B 80 -4.30 9.09 22.97
N LYS B 81 -5.59 9.07 22.69
CA LYS B 81 -6.40 7.86 22.81
C LYS B 81 -6.23 6.81 21.73
N ASP B 82 -5.96 7.24 20.49
CA ASP B 82 -5.73 6.28 19.39
C ASP B 82 -4.38 6.51 18.72
N ALA B 83 -3.83 5.42 18.20
CA ALA B 83 -2.52 5.45 17.58
C ALA B 83 -2.55 6.07 16.20
N ALA B 84 -3.73 6.17 15.61
CA ALA B 84 -3.88 6.80 14.31
C ALA B 84 -3.72 8.32 14.39
N ASP B 85 -4.30 8.93 15.44
CA ASP B 85 -4.31 10.40 15.58
C ASP B 85 -2.89 10.99 15.65
N VAL B 86 -2.75 12.19 15.08
CA VAL B 86 -1.45 12.81 14.86
C VAL B 86 -1.48 14.27 15.33
N LEU B 87 -0.80 14.55 16.43
CA LEU B 87 -0.80 15.89 17.03
C LEU B 87 -0.27 16.90 16.05
N PRO B 88 -0.98 18.03 15.90
CA PRO B 88 -0.50 19.01 14.94
C PRO B 88 0.93 19.42 15.25
N THR B 89 1.76 19.45 14.21
CA THR B 89 3.20 19.67 14.36
C THR B 89 3.53 21.15 14.28
N GLY B 90 3.06 21.88 15.28
CA GLY B 90 3.37 23.31 15.41
C GLY B 90 3.59 23.60 16.88
N THR B 91 3.30 24.83 17.27
CA THR B 91 3.21 25.20 18.69
C THR B 91 1.77 25.05 19.16
N ALA B 92 0.94 24.48 18.29
CA ALA B 92 -0.43 24.15 18.61
C ALA B 92 -0.51 22.74 19.22
N SER B 93 0.63 22.04 19.24
CA SER B 93 0.72 20.76 19.91
C SER B 93 0.12 20.86 21.30
N ILE B 94 0.35 22.00 21.95
CA ILE B 94 -0.09 22.21 23.34
C ILE B 94 -1.62 22.21 23.48
N PRO B 95 -2.31 23.23 22.94
CA PRO B 95 -3.77 23.29 23.12
C PRO B 95 -4.52 22.02 22.68
N TYR B 96 -3.99 21.32 21.68
CA TYR B 96 -4.56 20.04 21.29
C TYR B 96 -4.27 18.99 22.34
N LEU B 97 -3.00 18.77 22.65
CA LEU B 97 -2.63 17.78 23.67
C LEU B 97 -3.31 18.07 25.00
N MET B 98 -3.43 19.34 25.36
CA MET B 98 -4.08 19.70 26.62
C MET B 98 -5.57 19.34 26.64
N SER B 99 -6.18 19.22 25.46
CA SER B 99 -7.60 18.86 25.37
C SER B 99 -7.91 17.40 25.75
N ASN B 100 -7.04 16.48 25.37
CA ASN B 100 -7.29 15.07 25.71
C ASN B 100 -7.41 14.87 27.23
N THR B 101 -8.20 13.88 27.63
CA THR B 101 -8.60 13.72 29.04
C THR B 101 -7.43 13.73 30.04
N GLY B 102 -6.44 12.88 29.83
CA GLY B 102 -5.26 12.89 30.69
C GLY B 102 -4.30 13.99 30.25
N SER B 103 -4.36 15.16 30.89
CA SER B 103 -3.45 16.25 30.56
C SER B 103 -2.93 17.01 31.77
N PHE B 104 -1.60 17.04 31.88
CA PHE B 104 -0.90 17.68 33.00
C PHE B 104 -0.04 18.80 32.46
N THR B 105 -0.01 19.93 33.17
CA THR B 105 0.95 21.00 32.92
C THR B 105 1.62 21.42 34.21
N GLN B 106 2.93 21.30 34.26
CA GLN B 106 3.69 21.61 35.46
C GLN B 106 4.85 22.51 35.12
N PRO B 107 5.41 23.20 36.12
CA PRO B 107 6.69 23.85 35.95
C PRO B 107 7.78 22.80 35.76
N TRP B 108 8.88 23.18 35.12
CA TRP B 108 9.98 22.25 34.86
C TRP B 108 10.54 21.60 36.14
N TRP B 109 10.66 22.37 37.21
CA TRP B 109 11.16 21.84 38.49
C TRP B 109 10.26 20.78 39.13
N LYS B 110 8.97 20.81 38.84
CA LYS B 110 8.04 19.84 39.39
C LYS B 110 8.02 18.57 38.54
N SER B 111 8.38 17.45 39.16
CA SER B 111 8.30 16.14 38.51
C SER B 111 6.96 15.49 38.83
N THR B 112 6.51 14.59 37.95
CA THR B 112 5.18 13.98 38.07
C THR B 112 5.12 12.51 37.63
N VAL B 113 4.03 11.86 38.04
CA VAL B 113 3.66 10.53 37.57
C VAL B 113 2.29 10.65 36.92
N HIS B 114 2.09 9.97 35.80
CA HIS B 114 0.84 10.07 35.05
C HIS B 114 0.26 8.69 34.69
N ASN B 115 -0.76 8.28 35.43
CA ASN B 115 -1.46 7.01 35.17
C ASN B 115 -2.43 7.17 34.03
N VAL B 116 -2.40 6.21 33.11
CA VAL B 116 -3.19 6.27 31.90
C VAL B 116 -4.14 5.09 31.85
N LYS B 117 -5.44 5.35 31.98
CA LYS B 117 -6.47 4.34 31.75
C LYS B 117 -6.40 3.96 30.27
N ILE B 118 -6.03 2.71 30.00
CA ILE B 118 -5.93 2.21 28.64
C ILE B 118 -7.06 1.25 28.36
N PRO B 119 -7.72 1.39 27.20
CA PRO B 119 -8.78 0.46 26.83
C PRO B 119 -8.32 -1.00 26.93
N GLN B 120 -9.09 -1.80 27.66
CA GLN B 120 -8.76 -3.20 27.86
C GLN B 120 -9.09 -3.98 26.59
N LYS B 121 -8.28 -3.75 25.58
CA LYS B 121 -8.36 -4.44 24.31
C LYS B 121 -7.07 -5.23 24.16
N LEU B 122 -7.15 -6.34 23.43
CA LEU B 122 -5.96 -7.11 23.06
C LEU B 122 -5.34 -6.54 21.78
N PHE B 123 -4.12 -6.04 21.90
CA PHE B 123 -3.38 -5.54 20.75
C PHE B 123 -2.39 -6.59 20.33
N TYR B 124 -1.99 -6.56 19.06
CA TYR B 124 -0.82 -7.31 18.63
C TYR B 124 0.41 -6.59 19.19
N THR B 125 1.51 -7.33 19.37
CA THR B 125 2.72 -6.76 19.97
C THR B 125 3.64 -6.11 18.94
N GLU B 126 3.43 -6.44 17.68
CA GLU B 126 4.31 -6.00 16.62
C GLU B 126 3.51 -5.47 15.45
N ALA B 127 4.14 -4.61 14.66
CA ALA B 127 3.50 -4.05 13.48
C ALA B 127 3.33 -5.13 12.42
N PRO B 128 2.36 -4.94 11.51
CA PRO B 128 2.14 -5.96 10.49
C PRO B 128 3.27 -6.01 9.47
N THR B 129 3.83 -7.20 9.25
CA THR B 129 4.88 -7.37 8.28
C THR B 129 4.29 -7.58 6.89
N ARG B 130 3.07 -8.11 6.85
CA ARG B 130 2.37 -8.38 5.60
C ARG B 130 1.03 -7.66 5.60
N GLY B 131 0.52 -7.39 4.40
CA GLY B 131 -0.77 -6.71 4.26
C GLY B 131 -0.65 -5.25 4.63
N ALA B 132 -1.77 -4.63 4.99
CA ALA B 132 -1.80 -3.20 5.23
C ALA B 132 -1.40 -2.85 6.66
N ASP B 133 -1.03 -1.59 6.85
CA ASP B 133 -0.57 -1.07 8.14
C ASP B 133 -1.72 -0.46 8.95
N ALA B 134 -2.63 -1.32 9.41
CA ALA B 134 -3.74 -0.88 10.26
C ALA B 134 -3.18 -0.62 11.65
N VAL B 135 -2.71 0.60 11.85
CA VAL B 135 -1.96 1.01 13.04
C VAL B 135 -2.67 0.76 14.38
N ARG B 136 -4.00 0.86 14.37
CA ARG B 136 -4.79 0.69 15.60
C ARG B 136 -4.84 -0.74 16.18
N GLU B 137 -4.31 -1.70 15.43
CA GLU B 137 -4.30 -3.12 15.84
C GLU B 137 -3.25 -3.42 16.90
N TYR B 138 -2.17 -2.63 16.93
CA TYR B 138 -1.03 -2.94 17.81
C TYR B 138 -0.56 -1.80 18.73
N CYS B 139 -1.14 -0.61 18.58
CA CYS B 139 -0.77 0.51 19.43
C CYS B 139 -2.00 1.17 20.04
N PRO B 140 -2.02 1.26 21.38
CA PRO B 140 -3.15 1.91 22.05
C PRO B 140 -3.11 3.42 22.01
N GLY B 141 -2.01 4.02 21.54
CA GLY B 141 -1.92 5.48 21.42
C GLY B 141 -0.54 6.00 21.76
N GLN B 142 -0.31 7.30 21.59
CA GLN B 142 0.99 7.90 21.88
C GLN B 142 0.99 8.67 23.19
N PHE B 143 2.14 8.66 23.84
CA PHE B 143 2.40 9.50 25.01
C PHE B 143 3.23 10.68 24.55
N HIS B 144 2.88 11.87 25.03
CA HIS B 144 3.56 13.10 24.64
C HIS B 144 3.99 13.91 25.85
N VAL B 145 5.17 14.51 25.77
CA VAL B 145 5.61 15.55 26.70
C VAL B 145 6.14 16.70 25.86
N LEU B 146 5.43 17.81 25.86
CA LEU B 146 5.77 18.96 25.03
C LEU B 146 6.44 20.06 25.85
N VAL B 147 7.10 20.97 25.14
CA VAL B 147 7.73 22.13 25.76
C VAL B 147 6.80 23.33 25.60
N ASP B 148 5.98 23.56 26.62
CA ASP B 148 5.11 24.72 26.67
C ASP B 148 5.95 25.97 26.43
N SER B 149 6.97 26.13 27.27
CA SER B 149 7.82 27.31 27.27
C SER B 149 9.23 26.93 27.71
N LYS B 150 10.22 27.26 26.87
CA LYS B 150 11.60 26.77 27.05
C LYS B 150 12.11 26.98 28.48
N PRO B 151 12.78 25.95 29.06
CA PRO B 151 13.38 26.11 30.39
C PRO B 151 14.44 27.20 30.41
N SER B 152 14.44 28.01 31.45
CA SER B 152 15.32 29.18 31.52
C SER B 152 16.80 28.82 31.74
N GLN B 153 17.03 27.65 32.31
CA GLN B 153 18.39 27.15 32.52
C GLN B 153 18.41 25.63 32.29
N ILE B 154 19.57 25.00 32.49
CA ILE B 154 19.71 23.58 32.19
C ILE B 154 18.77 22.77 33.08
N CYS B 155 17.74 22.22 32.46
CA CYS B 155 16.88 21.26 33.11
C CYS B 155 16.92 19.97 32.29
N PRO B 156 17.50 18.90 32.87
CA PRO B 156 17.52 17.56 32.28
C PRO B 156 16.28 16.73 32.59
N VAL B 157 15.73 16.07 31.58
CA VAL B 157 14.44 15.39 31.72
C VAL B 157 14.51 13.92 31.33
N THR B 158 13.86 13.07 32.13
CA THR B 158 13.81 11.62 31.91
C THR B 158 12.38 11.08 31.99
N VAL B 159 12.13 9.96 31.33
CA VAL B 159 10.81 9.31 31.39
C VAL B 159 10.96 7.81 31.65
N ASP B 160 10.46 7.37 32.81
CA ASP B 160 10.36 5.96 33.15
C ASP B 160 8.91 5.51 32.98
N LEU B 161 8.69 4.21 32.83
CA LEU B 161 7.34 3.67 32.64
C LEU B 161 7.08 2.48 33.55
N GLU B 162 6.21 2.65 34.55
CA GLU B 162 5.74 1.55 35.38
C GLU B 162 4.63 0.84 34.61
N TRP B 163 4.92 -0.36 34.12
CA TRP B 163 3.99 -1.10 33.27
C TRP B 163 3.57 -2.43 33.87
N VAL B 164 2.35 -2.84 33.51
CA VAL B 164 1.81 -4.15 33.87
C VAL B 164 0.95 -4.62 32.72
N VAL B 165 1.26 -5.78 32.16
CA VAL B 165 0.59 -6.24 30.95
C VAL B 165 0.22 -7.72 31.04
N GLU B 166 -0.66 -8.12 30.13
CA GLU B 166 -0.96 -9.52 29.90
C GLU B 166 -0.44 -9.87 28.51
N LEU B 167 0.17 -11.05 28.39
CA LEU B 167 0.73 -11.48 27.12
C LEU B 167 0.12 -12.82 26.73
N HIS B 168 -0.21 -12.99 25.45
CA HIS B 168 -0.89 -14.20 24.96
C HIS B 168 -0.30 -14.70 23.64
N ASP B 169 -0.69 -15.93 23.26
CA ASP B 169 -0.35 -16.52 21.96
C ASP B 169 1.16 -16.51 21.72
N ALA B 170 1.83 -17.60 22.08
CA ALA B 170 3.31 -17.62 22.12
C ALA B 170 3.99 -17.77 20.76
N THR B 171 4.91 -16.85 20.47
CA THR B 171 5.64 -16.78 19.17
C THR B 171 7.07 -16.34 19.50
N PHE B 172 7.92 -16.16 18.47
CA PHE B 172 9.21 -15.47 18.65
C PHE B 172 9.60 -14.56 17.48
N ARG B 173 10.21 -13.42 17.83
CA ARG B 173 10.79 -12.47 16.87
C ARG B 173 12.07 -11.83 17.41
N LYS B 174 12.86 -11.26 16.51
CA LYS B 174 14.12 -10.61 16.86
C LYS B 174 13.91 -9.11 16.94
N GLU B 175 14.90 -8.42 17.51
CA GLU B 175 14.81 -6.98 17.73
C GLU B 175 13.96 -6.27 16.69
N SER B 176 14.39 -6.34 15.43
CA SER B 176 13.70 -5.68 14.34
C SER B 176 14.11 -6.30 13.02
N ASP B 177 13.14 -6.54 12.14
CA ASP B 177 13.43 -7.08 10.82
C ASP B 177 14.52 -6.24 10.16
N GLN B 178 14.25 -4.93 10.04
CA GLN B 178 15.14 -3.98 9.36
C GLN B 178 15.36 -2.79 10.26
N THR B 179 16.02 -1.76 9.72
CA THR B 179 16.08 -0.45 10.38
C THR B 179 15.88 0.62 9.35
N ALA B 180 15.30 1.74 9.77
CA ALA B 180 15.26 2.94 8.95
C ALA B 180 16.29 3.90 9.53
N ILE B 181 16.82 4.79 8.71
CA ILE B 181 17.80 5.79 9.15
C ILE B 181 17.69 7.04 8.29
N SER B 182 17.52 8.18 8.96
CA SER B 182 17.45 9.47 8.31
C SER B 182 18.70 10.26 8.65
N ALA B 183 18.71 11.53 8.26
CA ALA B 183 19.83 12.42 8.57
C ALA B 183 19.72 13.00 9.99
N ILE B 184 20.87 13.39 10.55
CA ILE B 184 20.94 14.02 11.87
C ILE B 184 20.86 15.54 11.78
N VAL B 185 21.30 16.09 10.65
CA VAL B 185 21.30 17.53 10.42
C VAL B 185 20.24 17.90 9.37
N ALA B 186 19.57 19.05 9.57
CA ALA B 186 18.45 19.46 8.70
C ALA B 186 18.81 20.56 7.68
N ASP B 187 19.99 21.19 7.85
CA ASP B 187 20.45 22.26 6.94
C ASP B 187 21.31 21.77 5.77
N HIS B 188 21.15 20.50 5.41
CA HIS B 188 21.86 19.92 4.27
C HIS B 188 20.92 19.08 3.46
N THR B 189 21.43 18.61 2.32
CA THR B 189 20.75 17.60 1.52
C THR B 189 21.79 16.73 0.84
N LEU B 190 21.36 15.54 0.43
CA LEU B 190 22.16 14.70 -0.44
C LEU B 190 21.61 14.83 -1.85
N ASN B 191 22.51 14.80 -2.84
CA ASN B 191 22.12 15.01 -4.23
C ASN B 191 22.79 14.05 -5.20
N VAL B 192 22.07 13.72 -6.26
CA VAL B 192 22.64 13.11 -7.46
C VAL B 192 22.37 14.07 -8.60
N TYR B 193 23.42 14.40 -9.35
CA TYR B 193 23.27 15.22 -10.55
C TYR B 193 23.81 14.42 -11.72
N GLY B 194 23.05 14.36 -12.80
CA GLY B 194 23.55 13.78 -14.04
C GLY B 194 23.45 14.76 -15.18
N LEU B 195 23.17 16.03 -14.88
CA LEU B 195 22.77 17.01 -15.89
C LEU B 195 23.92 17.43 -16.82
N PRO B 196 25.08 17.80 -16.26
CA PRO B 196 26.24 18.05 -17.14
C PRO B 196 26.87 16.72 -17.54
N ALA B 197 26.48 16.23 -18.72
CA ALA B 197 26.69 14.85 -19.15
C ALA B 197 28.15 14.37 -19.08
N THR B 198 29.08 15.26 -19.39
CA THR B 198 30.50 14.92 -19.56
C THR B 198 31.28 14.87 -18.24
N SER B 199 30.68 15.42 -17.18
CA SER B 199 31.32 15.44 -15.86
C SER B 199 31.55 14.04 -15.31
N ASN B 200 32.64 13.88 -14.56
CA ASN B 200 32.98 12.62 -13.89
C ASN B 200 32.36 12.57 -12.49
N ARG B 201 31.51 13.55 -12.18
CA ARG B 201 30.86 13.67 -10.89
C ARG B 201 29.41 13.14 -10.95
N VAL B 202 28.94 12.78 -12.15
CA VAL B 202 27.54 12.35 -12.33
C VAL B 202 27.26 10.97 -11.75
N GLY B 203 26.06 10.82 -11.18
CA GLY B 203 25.65 9.57 -10.57
C GLY B 203 26.10 9.43 -9.12
N HIS B 204 27.21 10.07 -8.76
CA HIS B 204 27.75 9.99 -7.42
C HIS B 204 26.87 10.80 -6.47
N ILE B 205 26.78 10.36 -5.22
CA ILE B 205 25.99 11.05 -4.22
C ILE B 205 26.84 12.18 -3.66
N LEU B 206 26.24 13.35 -3.47
CA LEU B 206 26.99 14.52 -2.99
C LEU B 206 26.23 15.20 -1.85
N ILE B 207 26.94 16.02 -1.07
CA ILE B 207 26.33 16.78 0.01
C ILE B 207 26.28 18.26 -0.31
N SER B 208 25.05 18.75 -0.50
CA SER B 208 24.83 20.18 -0.65
C SER B 208 24.26 20.71 0.68
N PRO B 209 24.94 21.70 1.27
CA PRO B 209 24.30 22.53 2.29
C PRO B 209 23.34 23.47 1.57
N ILE B 210 22.04 23.36 1.85
CA ILE B 210 20.99 23.89 0.97
C ILE B 210 21.36 25.14 0.16
N GLY B 211 21.94 26.14 0.82
CA GLY B 211 22.35 27.37 0.14
C GLY B 211 23.60 27.20 -0.70
N GLN B 212 24.62 26.56 -0.11
CA GLN B 212 25.92 26.36 -0.75
C GLN B 212 25.87 25.53 -2.04
N THR B 213 27.03 25.41 -2.70
CA THR B 213 27.18 24.54 -3.86
C THR B 213 27.51 23.12 -3.40
N PRO B 214 27.08 22.10 -4.17
CA PRO B 214 27.25 20.72 -3.75
C PRO B 214 28.69 20.23 -3.89
N LYS B 215 29.12 19.39 -2.95
CA LYS B 215 30.48 18.83 -2.94
C LYS B 215 30.46 17.34 -2.59
N ASP B 216 31.52 16.65 -2.99
CA ASP B 216 31.63 15.19 -2.86
C ASP B 216 31.44 14.64 -1.44
N LEU B 217 30.75 13.51 -1.36
CA LEU B 217 30.43 12.89 -0.08
C LEU B 217 31.67 12.13 0.39
N THR B 218 32.31 12.66 1.43
CA THR B 218 33.46 12.02 2.06
C THR B 218 33.09 11.57 3.47
N PRO B 219 33.68 10.46 3.94
CA PRO B 219 33.40 9.92 5.27
C PRO B 219 33.18 10.93 6.38
N THR B 220 34.02 11.96 6.42
CA THR B 220 33.96 12.97 7.49
C THR B 220 32.65 13.74 7.50
N ARG B 221 32.11 14.03 6.30
CA ARG B 221 30.81 14.69 6.18
C ARG B 221 29.71 13.68 6.47
N PHE B 222 29.79 12.53 5.81
CA PHE B 222 28.86 11.41 6.02
C PHE B 222 28.52 11.25 7.51
N ALA B 223 29.55 11.30 8.35
CA ALA B 223 29.39 11.25 9.80
C ALA B 223 28.42 12.29 10.31
N THR B 224 28.65 13.54 9.92
CA THR B 224 27.86 14.66 10.38
C THR B 224 26.45 14.69 9.77
N PHE B 225 26.29 14.07 8.60
CA PHE B 225 24.98 13.97 7.98
C PHE B 225 24.16 12.84 8.60
N PHE B 226 24.78 11.66 8.74
CA PHE B 226 24.07 10.45 9.20
C PHE B 226 24.30 10.06 10.65
N GLY B 227 25.27 10.68 11.31
CA GLY B 227 25.58 10.39 12.71
C GLY B 227 26.67 9.36 12.93
N PHE B 228 26.98 8.57 11.90
CA PHE B 228 27.97 7.49 12.00
C PHE B 228 28.91 7.51 10.82
N LEU B 229 29.95 6.68 10.92
CA LEU B 229 31.01 6.68 9.94
C LEU B 229 30.81 5.56 8.93
N PRO B 230 30.85 5.90 7.62
CA PRO B 230 30.61 4.92 6.57
C PRO B 230 31.80 4.01 6.36
N ASP B 231 31.64 3.01 5.49
CA ASP B 231 32.70 2.05 5.22
C ASP B 231 32.53 1.38 3.86
N ASP B 232 33.44 0.44 3.57
CA ASP B 232 33.45 -0.31 2.32
C ASP B 232 32.08 -0.85 1.88
N LYS B 233 31.35 -1.46 2.82
CA LYS B 233 30.13 -2.20 2.51
C LYS B 233 28.86 -1.53 3.05
N PHE B 234 28.86 -0.20 3.05
CA PHE B 234 27.67 0.56 3.37
C PHE B 234 26.75 0.51 2.17
N CYS B 235 25.51 0.09 2.39
CA CYS B 235 24.52 0.04 1.34
C CYS B 235 23.18 0.42 1.93
N VAL B 236 22.31 0.96 1.10
CA VAL B 236 21.06 1.51 1.57
C VAL B 236 20.00 1.44 0.46
N ARG B 237 18.78 1.05 0.85
CA ARG B 237 17.63 1.07 -0.05
C ARG B 237 16.98 2.46 0.02
N ILE B 238 17.03 3.22 -1.08
CA ILE B 238 16.41 4.55 -1.09
C ILE B 238 14.89 4.44 -1.20
N PRO B 239 14.15 5.47 -0.73
CA PRO B 239 12.68 5.42 -0.75
C PRO B 239 12.10 5.54 -2.16
N THR B 240 12.69 6.41 -2.97
CA THR B 240 12.24 6.59 -4.34
C THR B 240 13.33 6.09 -5.27
N PRO B 241 12.98 5.16 -6.19
CA PRO B 241 13.93 4.73 -7.21
C PRO B 241 14.26 5.84 -8.20
N VAL B 242 15.50 5.85 -8.68
CA VAL B 242 15.96 6.87 -9.61
C VAL B 242 16.18 6.26 -10.98
N ASP B 243 15.67 6.93 -12.02
CA ASP B 243 15.80 6.42 -13.39
C ASP B 243 17.21 6.63 -13.92
N VAL B 244 17.74 5.62 -14.60
CA VAL B 244 19.09 5.66 -15.18
C VAL B 244 19.02 4.98 -16.54
N VAL B 245 19.75 5.54 -17.52
CA VAL B 245 19.70 5.03 -18.90
C VAL B 245 21.09 4.69 -19.43
N LEU B 246 21.37 3.40 -19.63
CA LEU B 246 22.64 2.94 -20.17
C LEU B 246 22.53 2.74 -21.68
N THR B 247 23.64 2.96 -22.38
CA THR B 247 23.69 2.81 -23.84
C THR B 247 25.06 2.40 -24.36
N GLY B 248 25.08 1.87 -25.58
CA GLY B 248 26.32 1.49 -26.26
C GLY B 248 26.07 1.40 -27.75
N ASP B 249 26.81 0.53 -28.44
CA ASP B 249 26.58 0.26 -29.86
C ASP B 249 25.46 -0.75 -30.03
N ASN B 250 24.38 -0.33 -30.69
CA ASN B 250 23.18 -1.16 -30.89
C ASN B 250 22.57 -1.67 -29.57
N VAL B 251 22.75 -0.89 -28.51
CA VAL B 251 22.41 -1.31 -27.16
C VAL B 251 21.84 -0.15 -26.38
N TYR B 252 20.79 -0.44 -25.60
CA TYR B 252 20.12 0.52 -24.74
C TYR B 252 19.42 -0.25 -23.62
N GLN B 253 19.40 0.31 -22.42
CA GLN B 253 18.68 -0.30 -21.31
C GLN B 253 18.37 0.70 -20.20
N SER B 254 17.13 0.65 -19.73
CA SER B 254 16.69 1.47 -18.61
C SER B 254 16.88 0.67 -17.33
N VAL B 255 17.45 1.31 -16.30
CA VAL B 255 17.77 0.65 -15.02
C VAL B 255 17.39 1.53 -13.83
N GLU B 256 16.45 1.07 -13.01
CA GLU B 256 16.01 1.81 -11.84
C GLU B 256 17.02 1.68 -10.71
N ALA B 257 17.69 2.80 -10.40
CA ALA B 257 18.61 2.85 -9.28
C ALA B 257 17.82 2.73 -7.97
N THR B 258 17.87 1.54 -7.38
CA THR B 258 17.06 1.25 -6.19
C THR B 258 17.83 1.43 -4.89
N HIS B 259 19.16 1.56 -4.99
CA HIS B 259 19.98 1.74 -3.81
C HIS B 259 21.02 2.84 -3.99
N ILE B 260 21.50 3.34 -2.87
CA ILE B 260 22.72 4.11 -2.81
C ILE B 260 23.73 3.20 -2.15
N ARG B 261 24.87 2.96 -2.81
CA ARG B 261 25.86 2.01 -2.32
C ARG B 261 27.25 2.63 -2.25
N ALA B 262 28.02 2.20 -1.25
CA ALA B 262 29.42 2.57 -1.13
C ALA B 262 30.31 1.62 -1.93
N TYR B 263 31.29 2.20 -2.62
CA TYR B 263 32.27 1.45 -3.41
C TYR B 263 33.61 2.15 -3.25
N LEU B 264 34.68 1.47 -3.67
CA LEU B 264 36.04 1.92 -3.37
C LEU B 264 36.82 2.30 -4.62
N VAL B 265 37.58 3.39 -4.50
CA VAL B 265 38.19 4.06 -5.64
C VAL B 265 39.69 4.26 -5.41
N ASN B 266 40.43 4.51 -6.49
CA ASN B 266 41.89 4.75 -6.46
C ASN B 266 42.67 3.79 -5.56
N GLY B 267 42.50 2.49 -5.82
CA GLY B 267 43.22 1.43 -5.10
C GLY B 267 42.57 0.95 -3.81
N GLY B 268 41.59 1.69 -3.31
CA GLY B 268 40.91 1.37 -2.05
C GLY B 268 41.27 2.28 -0.88
N LEU B 269 41.97 3.38 -1.17
CA LEU B 269 42.31 4.37 -0.12
C LEU B 269 41.04 5.06 0.37
N GLY B 270 40.31 5.69 -0.56
CA GLY B 270 39.06 6.36 -0.27
C GLY B 270 37.88 5.59 -0.82
N ILE B 271 36.69 5.91 -0.35
CA ILE B 271 35.45 5.32 -0.85
C ILE B 271 34.45 6.41 -1.23
N ASP B 272 33.73 6.20 -2.33
CA ASP B 272 32.71 7.14 -2.80
C ASP B 272 31.36 6.42 -2.78
N PHE B 273 30.30 7.17 -3.02
CA PHE B 273 28.94 6.66 -2.97
C PHE B 273 28.25 6.94 -4.30
N HIS B 274 27.52 5.93 -4.81
CA HIS B 274 26.96 5.96 -6.14
C HIS B 274 25.60 5.28 -6.17
N LEU B 275 24.67 5.84 -6.94
CA LEU B 275 23.44 5.13 -7.33
C LEU B 275 23.73 3.67 -7.68
N ALA B 276 22.80 2.79 -7.33
CA ALA B 276 23.03 1.36 -7.48
C ALA B 276 21.74 0.57 -7.55
N ALA B 277 21.82 -0.60 -8.18
CA ALA B 277 20.70 -1.53 -8.24
C ALA B 277 21.23 -2.95 -8.22
N TYR B 278 20.31 -3.88 -8.00
CA TYR B 278 20.64 -5.30 -7.98
C TYR B 278 20.97 -5.75 -9.39
N ASN B 279 22.12 -6.38 -9.55
CA ASN B 279 22.57 -6.86 -10.85
C ASN B 279 22.24 -8.34 -11.01
N ASP B 280 21.29 -8.63 -11.90
CA ASP B 280 20.82 -10.00 -12.13
C ASP B 280 21.96 -10.96 -12.45
N THR B 281 23.03 -10.43 -13.03
CA THR B 281 24.20 -11.23 -13.38
C THR B 281 24.90 -11.77 -12.13
N THR B 282 25.36 -10.85 -11.27
CA THR B 282 26.18 -11.22 -10.12
C THR B 282 25.39 -11.56 -8.87
N HIS B 283 24.10 -11.27 -8.90
CA HIS B 283 23.26 -11.41 -7.72
C HIS B 283 23.78 -10.54 -6.59
N THR B 284 24.13 -9.29 -6.91
CA THR B 284 24.57 -8.32 -5.90
C THR B 284 24.21 -6.90 -6.33
N ILE B 285 24.01 -6.01 -5.36
CA ILE B 285 23.75 -4.60 -5.65
C ILE B 285 25.03 -3.95 -6.13
N GLN B 286 24.98 -3.36 -7.32
CA GLN B 286 26.17 -2.80 -7.95
C GLN B 286 25.96 -1.35 -8.41
N PRO B 287 27.07 -0.58 -8.47
CA PRO B 287 27.02 0.88 -8.59
C PRO B 287 26.59 1.46 -9.94
N ILE B 288 26.18 0.63 -10.90
CA ILE B 288 25.64 1.13 -12.18
C ILE B 288 26.60 2.10 -12.86
N ILE B 289 27.83 1.65 -13.07
CA ILE B 289 28.79 2.36 -13.93
C ILE B 289 28.84 1.60 -15.26
N PRO B 290 28.55 2.29 -16.38
CA PRO B 290 28.24 1.62 -17.65
C PRO B 290 29.19 0.49 -18.03
N THR B 291 30.49 0.75 -17.92
CA THR B 291 31.50 -0.24 -18.25
C THR B 291 31.44 -1.47 -17.34
N LEU B 292 30.94 -1.30 -16.12
CA LEU B 292 30.94 -2.37 -15.12
C LEU B 292 29.59 -3.08 -14.94
N TRP B 293 28.55 -2.57 -15.60
CA TRP B 293 27.21 -3.16 -15.50
C TRP B 293 27.07 -4.32 -16.50
N ASN B 294 26.84 -5.52 -15.97
CA ASN B 294 26.76 -6.73 -16.79
C ASN B 294 25.33 -7.18 -17.00
N VAL B 295 25.05 -7.74 -18.17
CA VAL B 295 23.71 -8.16 -18.54
C VAL B 295 23.70 -9.44 -19.39
N TYR B 296 22.72 -10.30 -19.14
CA TYR B 296 22.51 -11.46 -19.99
C TYR B 296 21.96 -11.00 -21.33
N ASP B 297 22.34 -11.71 -22.39
CA ASP B 297 21.62 -11.65 -23.66
C ASP B 297 20.64 -12.84 -23.67
N VAL B 298 19.89 -13.00 -24.76
CA VAL B 298 18.91 -14.09 -24.84
C VAL B 298 19.55 -15.48 -24.82
N THR B 299 20.83 -15.57 -25.17
CA THR B 299 21.54 -16.85 -25.22
C THR B 299 22.05 -17.31 -23.86
N GLY B 300 21.94 -16.45 -22.84
CA GLY B 300 22.40 -16.78 -21.50
C GLY B 300 23.84 -16.40 -21.23
N ALA B 301 24.47 -15.72 -22.19
CA ALA B 301 25.86 -15.24 -22.04
C ALA B 301 25.90 -13.82 -21.48
N VAL B 302 26.92 -13.54 -20.68
CA VAL B 302 27.05 -12.27 -19.98
C VAL B 302 27.89 -11.30 -20.79
N THR B 303 27.33 -10.13 -21.09
CA THR B 303 28.07 -9.06 -21.79
C THR B 303 28.11 -7.80 -20.92
N ALA B 304 29.02 -6.89 -21.26
CA ALA B 304 29.08 -5.56 -20.63
C ALA B 304 29.15 -4.48 -21.71
N PRO B 305 28.14 -4.44 -22.59
CA PRO B 305 28.19 -3.66 -23.81
C PRO B 305 27.98 -2.15 -23.62
N PHE B 306 27.80 -1.70 -22.38
CA PHE B 306 27.44 -0.31 -22.14
C PHE B 306 28.66 0.59 -21.97
N THR B 307 28.58 1.78 -22.55
CA THR B 307 29.64 2.78 -22.48
C THR B 307 29.18 4.15 -21.99
N SER B 308 27.95 4.54 -22.30
CA SER B 308 27.37 5.78 -21.79
C SER B 308 26.26 5.50 -20.79
N ALA B 309 25.92 6.53 -20.01
CA ALA B 309 24.93 6.43 -18.95
C ALA B 309 24.38 7.80 -18.57
N ILE B 310 23.07 7.90 -18.39
CA ILE B 310 22.44 9.15 -17.96
C ILE B 310 21.68 8.94 -16.64
N TYR B 311 22.05 9.74 -15.66
CA TYR B 311 21.44 9.69 -14.35
C TYR B 311 20.43 10.82 -14.24
N ASP B 312 19.27 10.51 -13.67
CA ASP B 312 18.24 11.52 -13.42
C ASP B 312 18.54 12.22 -12.10
N ASN B 313 18.41 13.54 -12.08
CA ASN B 313 18.64 14.29 -10.86
C ASN B 313 17.66 13.90 -9.77
N HIS B 314 18.15 13.82 -8.54
CA HIS B 314 17.28 13.59 -7.40
C HIS B 314 17.90 14.19 -6.14
N VAL B 315 17.05 14.47 -5.16
CA VAL B 315 17.47 15.11 -3.94
C VAL B 315 16.88 14.38 -2.75
N TRP B 316 17.58 14.45 -1.63
CA TRP B 316 17.11 13.83 -0.40
C TRP B 316 17.31 14.81 0.75
N THR B 317 16.33 14.87 1.65
CA THR B 317 16.39 15.73 2.81
C THR B 317 16.51 14.94 4.09
N HIS B 318 16.60 15.66 5.20
CA HIS B 318 16.45 15.11 6.54
C HIS B 318 15.14 14.33 6.75
N LYS B 319 14.20 14.47 5.82
CA LYS B 319 12.91 13.78 5.90
C LYS B 319 12.99 12.36 5.33
N ASP B 320 13.91 12.14 4.39
CA ASP B 320 14.04 10.83 3.74
C ASP B 320 14.57 9.76 4.68
N LYS B 321 13.86 8.63 4.71
CA LYS B 321 14.29 7.47 5.48
C LYS B 321 14.99 6.47 4.56
N PHE B 322 16.22 6.13 4.93
CA PHE B 322 17.02 5.16 4.20
C PHE B 322 17.06 3.87 5.01
N VAL B 323 17.03 2.73 4.33
CA VAL B 323 17.10 1.44 5.02
C VAL B 323 18.37 0.67 4.66
N PRO B 324 19.22 0.38 5.67
CA PRO B 324 20.44 -0.36 5.42
C PRO B 324 20.12 -1.81 5.08
N VAL B 325 20.70 -2.27 3.98
CA VAL B 325 20.59 -3.65 3.54
C VAL B 325 22.01 -4.07 3.21
N SER B 326 22.35 -5.34 3.43
CA SER B 326 23.64 -5.84 2.95
C SER B 326 23.53 -5.96 1.44
N PHE B 327 24.65 -6.19 0.76
CA PHE B 327 24.58 -6.58 -0.66
C PHE B 327 23.72 -7.83 -0.67
N GLN B 328 23.21 -8.23 -1.83
CA GLN B 328 22.19 -9.28 -1.93
C GLN B 328 20.81 -8.77 -1.45
N ASP B 329 20.74 -7.53 -0.96
CA ASP B 329 19.48 -6.85 -0.62
C ASP B 329 18.80 -7.35 0.66
N GLU B 330 19.54 -8.07 1.49
CA GLU B 330 19.01 -8.55 2.77
C GLU B 330 19.02 -7.38 3.75
N PRO B 331 17.83 -6.90 4.16
CA PRO B 331 17.82 -5.76 5.08
C PRO B 331 18.45 -6.12 6.43
N ILE B 332 19.34 -5.25 6.90
CA ILE B 332 20.13 -5.58 8.08
C ILE B 332 19.41 -5.13 9.35
N PRO B 333 19.29 -6.04 10.34
CA PRO B 333 18.64 -5.83 11.64
C PRO B 333 19.13 -4.65 12.46
N GLY B 334 18.31 -4.24 13.43
CA GLY B 334 18.58 -3.10 14.30
C GLY B 334 19.77 -3.32 15.23
N THR B 335 19.74 -4.42 15.98
CA THR B 335 20.83 -4.76 16.89
C THR B 335 22.17 -4.87 16.16
N VAL B 336 22.11 -5.40 14.94
CA VAL B 336 23.28 -5.65 14.11
C VAL B 336 23.82 -4.35 13.51
N PHE B 337 22.93 -3.48 13.03
CA PHE B 337 23.33 -2.22 12.43
C PHE B 337 24.02 -1.30 13.44
N ASP B 338 23.39 -1.09 14.60
CA ASP B 338 23.98 -0.29 15.67
C ASP B 338 25.35 -0.81 16.10
N TYR B 339 25.59 -2.11 15.91
CA TYR B 339 26.89 -2.72 16.15
C TYR B 339 27.91 -2.42 15.04
N LEU B 340 27.49 -2.51 13.78
CA LEU B 340 28.37 -2.23 12.64
C LEU B 340 28.52 -0.73 12.31
N TYR B 341 27.50 0.05 12.67
CA TYR B 341 27.47 1.48 12.37
C TYR B 341 26.90 2.24 13.57
N PRO B 342 27.75 2.50 14.56
CA PRO B 342 27.31 3.05 15.85
C PRO B 342 27.17 4.57 15.88
N ARG B 343 26.00 5.03 16.34
CA ARG B 343 25.76 6.45 16.63
C ARG B 343 25.78 6.65 18.16
N SER B 344 25.46 7.87 18.62
CA SER B 344 25.27 8.13 20.05
C SER B 344 24.05 7.38 20.58
N TYR B 345 24.14 6.89 21.81
CA TYR B 345 23.07 6.10 22.40
C TYR B 345 22.01 7.00 23.03
N SER B 346 20.88 7.15 22.33
CA SER B 346 19.67 7.76 22.87
C SER B 346 18.58 6.70 22.84
N LEU B 347 17.83 6.57 23.94
CA LEU B 347 16.94 5.42 24.10
C LEU B 347 15.66 5.45 23.25
N PRO B 348 14.87 6.54 23.33
CA PRO B 348 13.66 6.51 22.51
C PRO B 348 14.01 6.43 21.02
N SER B 349 13.61 5.34 20.37
CA SER B 349 14.02 5.00 18.99
C SER B 349 15.50 4.62 18.92
N SER C 5 -17.43 13.28 32.94
CA SER C 5 -16.84 13.49 31.58
C SER C 5 -16.17 12.21 31.08
N ASN C 6 -15.46 12.32 29.95
CA ASN C 6 -14.80 11.17 29.32
C ASN C 6 -15.82 10.14 28.80
N SER C 7 -17.08 10.56 28.71
CA SER C 7 -18.20 9.67 28.40
C SER C 7 -19.48 10.49 28.32
N ILE C 8 -20.29 10.28 27.28
CA ILE C 8 -21.60 10.92 27.15
C ILE C 8 -22.60 10.01 26.48
N LEU C 9 -23.88 10.34 26.64
CA LEU C 9 -24.94 9.66 25.89
C LEU C 9 -25.65 10.72 25.09
N LEU C 10 -25.63 10.55 23.77
CA LEU C 10 -26.06 11.60 22.85
C LEU C 10 -27.17 11.09 21.94
N LYS C 11 -28.26 11.86 21.87
CA LYS C 11 -29.43 11.51 21.06
C LYS C 11 -29.67 12.63 20.04
N GLY C 12 -30.29 12.29 18.92
CA GLY C 12 -30.56 13.27 17.88
C GLY C 12 -31.11 12.69 16.60
N CYS C 13 -31.58 13.57 15.70
CA CYS C 13 -32.12 13.18 14.39
C CYS C 13 -31.74 14.17 13.30
N ASP C 14 -30.98 13.71 12.32
CA ASP C 14 -30.51 14.56 11.23
C ASP C 14 -30.87 13.94 9.88
N ARG C 15 -30.47 14.60 8.79
CA ARG C 15 -30.69 14.09 7.45
C ARG C 15 -29.48 13.31 6.93
N ILE C 16 -29.66 12.04 6.68
CA ILE C 16 -28.58 11.16 6.20
C ILE C 16 -28.32 11.36 4.72
N VAL C 17 -29.40 11.41 3.93
CA VAL C 17 -29.31 11.59 2.48
C VAL C 17 -30.47 12.44 1.97
N THR C 18 -30.14 13.39 1.10
CA THR C 18 -31.13 14.33 0.54
C THR C 18 -31.87 13.67 -0.61
N VAL C 19 -32.74 14.43 -1.27
CA VAL C 19 -33.67 13.87 -2.24
C VAL C 19 -32.96 13.28 -3.45
N VAL C 20 -33.42 12.09 -3.85
CA VAL C 20 -32.95 11.42 -5.05
C VAL C 20 -34.19 11.03 -5.84
N ASP C 21 -34.08 11.07 -7.17
CA ASP C 21 -35.19 10.70 -8.05
C ASP C 21 -35.01 9.29 -8.60
N ALA C 22 -35.67 8.32 -7.97
CA ALA C 22 -35.51 6.90 -8.31
C ALA C 22 -35.95 6.58 -9.73
N SER C 23 -36.82 7.42 -10.28
CA SER C 23 -37.32 7.22 -11.65
C SER C 23 -36.25 7.29 -12.74
N THR C 24 -35.04 7.73 -12.38
CA THR C 24 -33.93 7.83 -13.32
C THR C 24 -32.79 6.84 -13.00
N TYR C 25 -33.12 5.76 -12.28
CA TYR C 25 -32.10 4.82 -11.81
C TYR C 25 -32.37 3.41 -12.35
N ASP C 26 -31.43 2.88 -13.12
CA ASP C 26 -31.54 1.54 -13.70
C ASP C 26 -31.87 0.52 -12.60
N ALA C 27 -32.67 -0.49 -12.95
CA ALA C 27 -33.06 -1.52 -12.00
C ALA C 27 -31.85 -2.19 -11.33
N GLY C 28 -31.93 -2.40 -10.03
CA GLY C 28 -30.84 -3.01 -9.27
C GLY C 28 -29.83 -2.05 -8.70
N SER C 29 -29.76 -0.82 -9.23
CA SER C 29 -28.80 0.18 -8.76
C SER C 29 -29.27 0.83 -7.46
N ALA C 30 -28.29 1.23 -6.65
CA ALA C 30 -28.58 1.83 -5.37
C ALA C 30 -28.87 3.31 -5.53
N ILE C 31 -29.95 3.76 -4.89
CA ILE C 31 -30.20 5.20 -4.70
C ILE C 31 -29.67 5.66 -3.34
N VAL C 32 -29.45 4.73 -2.44
CA VAL C 32 -28.78 5.02 -1.19
C VAL C 32 -27.78 3.92 -0.93
N SER C 33 -26.52 4.32 -0.75
CA SER C 33 -25.45 3.38 -0.47
C SER C 33 -24.49 4.08 0.47
N ILE C 34 -24.75 3.97 1.77
CA ILE C 34 -24.10 4.85 2.72
C ILE C 34 -23.48 4.17 3.94
N PRO C 35 -22.14 4.27 4.08
CA PRO C 35 -21.48 3.77 5.29
C PRO C 35 -21.71 4.65 6.52
N ILE C 36 -22.02 4.01 7.64
CA ILE C 36 -22.36 4.71 8.87
C ILE C 36 -21.08 5.14 9.55
N THR C 37 -20.83 6.44 9.54
CA THR C 37 -19.70 7.03 10.22
C THR C 37 -20.19 8.34 10.82
N PRO C 38 -19.80 8.66 12.06
CA PRO C 38 -20.48 9.73 12.78
C PRO C 38 -20.62 11.04 12.01
N ASP C 39 -19.62 11.35 11.17
CA ASP C 39 -19.64 12.53 10.29
C ASP C 39 -20.78 12.59 9.26
N ILE C 40 -21.41 11.44 9.03
CA ILE C 40 -22.58 11.31 8.14
C ILE C 40 -23.73 12.26 8.48
N ALA C 41 -23.85 12.61 9.76
CA ALA C 41 -24.91 13.45 10.29
C ALA C 41 -24.33 14.71 10.93
N TYR C 42 -25.03 15.83 10.77
CA TYR C 42 -24.47 17.14 11.12
C TYR C 42 -24.25 17.39 12.61
N ARG C 43 -25.21 17.01 13.45
CA ARG C 43 -25.05 17.19 14.89
C ARG C 43 -24.16 16.12 15.47
N LEU C 44 -24.31 14.88 14.98
CA LEU C 44 -23.54 13.76 15.48
C LEU C 44 -22.07 13.97 15.16
N GLY C 45 -21.77 14.18 13.88
CA GLY C 45 -20.40 14.33 13.41
C GLY C 45 -19.60 15.43 14.10
N SER C 46 -20.27 16.52 14.42
CA SER C 46 -19.62 17.66 15.07
C SER C 46 -19.22 17.34 16.51
N THR C 47 -20.10 16.64 17.23
CA THR C 47 -19.81 16.29 18.61
C THR C 47 -18.86 15.08 18.68
N ALA C 48 -19.11 14.08 17.84
CA ALA C 48 -18.27 12.87 17.79
C ALA C 48 -16.80 13.20 17.53
N ARG C 49 -16.58 14.37 16.96
CA ARG C 49 -15.25 14.92 16.78
C ARG C 49 -14.50 15.15 18.07
N THR C 50 -15.23 15.47 19.13
CA THR C 50 -14.62 15.73 20.45
C THR C 50 -14.43 14.44 21.28
N PHE C 51 -14.56 13.28 20.64
CA PHE C 51 -14.32 11.99 21.26
C PHE C 51 -13.55 11.07 20.29
N GLN C 52 -13.20 9.88 20.78
CA GLN C 52 -12.35 8.95 20.03
C GLN C 52 -13.08 7.68 19.64
N ARG C 53 -13.77 7.07 20.60
CA ARG C 53 -14.56 5.87 20.35
C ARG C 53 -16.06 6.18 20.41
N ILE C 54 -16.86 5.29 19.81
CA ILE C 54 -18.32 5.46 19.74
C ILE C 54 -19.04 4.12 19.73
N LYS C 55 -20.19 4.06 20.39
CA LYS C 55 -21.06 2.88 20.35
C LYS C 55 -22.41 3.31 19.82
N TYR C 56 -22.86 2.66 18.75
CA TYR C 56 -24.16 2.96 18.19
C TYR C 56 -25.19 2.11 18.92
N ARG C 57 -25.98 2.76 19.76
CA ARG C 57 -26.95 2.08 20.61
C ARG C 57 -28.18 1.73 19.79
N SER C 58 -28.75 2.76 19.15
CA SER C 58 -29.91 2.58 18.28
C SER C 58 -29.73 3.46 17.05
N LEU C 59 -30.02 2.87 15.89
CA LEU C 59 -30.00 3.56 14.63
C LEU C 59 -31.27 3.21 13.89
N LYS C 60 -32.12 4.21 13.67
CA LYS C 60 -33.37 4.00 12.97
C LYS C 60 -33.40 4.81 11.69
N PHE C 61 -33.36 4.12 10.55
CA PHE C 61 -33.34 4.76 9.24
C PHE C 61 -34.74 5.05 8.76
N ARG C 62 -35.08 6.33 8.74
CA ARG C 62 -36.37 6.81 8.27
C ARG C 62 -36.35 7.03 6.77
N VAL C 63 -36.82 6.05 6.02
CA VAL C 63 -36.83 6.12 4.56
C VAL C 63 -38.09 6.84 4.11
N ASN C 64 -37.94 8.07 3.62
CA ASN C 64 -39.08 8.86 3.16
C ASN C 64 -39.29 8.79 1.66
N ALA C 65 -40.06 7.78 1.25
CA ALA C 65 -40.38 7.56 -0.15
C ALA C 65 -41.75 8.18 -0.46
N GLN C 66 -41.77 9.14 -1.39
CA GLN C 66 -42.91 10.02 -1.59
C GLN C 66 -43.57 9.89 -2.96
N CYS C 67 -43.25 8.82 -3.69
CA CYS C 67 -43.81 8.57 -5.03
C CYS C 67 -45.33 8.52 -4.96
N ALA C 68 -45.99 8.91 -6.04
CA ALA C 68 -47.45 8.93 -6.05
C ALA C 68 -47.98 7.55 -5.73
N THR C 69 -49.15 7.50 -5.10
CA THR C 69 -49.79 6.22 -4.71
C THR C 69 -50.32 5.40 -5.90
N THR C 70 -50.15 5.95 -7.10
CA THR C 70 -50.37 5.20 -8.35
C THR C 70 -49.07 4.55 -8.83
N THR C 71 -47.99 5.34 -8.94
CA THR C 71 -46.73 4.87 -9.53
C THR C 71 -46.37 3.48 -8.99
N ALA C 72 -46.24 2.53 -9.91
CA ALA C 72 -46.01 1.14 -9.56
C ALA C 72 -44.52 0.90 -9.36
N GLY C 73 -44.22 -0.25 -8.76
CA GLY C 73 -42.84 -0.63 -8.46
C GLY C 73 -42.59 -0.65 -6.97
N GLY C 74 -41.36 -0.99 -6.59
CA GLY C 74 -40.96 -1.04 -5.18
C GLY C 74 -39.47 -0.90 -5.01
N TYR C 75 -39.04 -0.81 -3.76
CA TYR C 75 -37.61 -0.71 -3.43
C TYR C 75 -37.24 -1.77 -2.41
N VAL C 76 -35.99 -2.22 -2.47
CA VAL C 76 -35.46 -3.10 -1.45
C VAL C 76 -34.42 -2.32 -0.67
N ALA C 77 -34.57 -2.31 0.64
CA ALA C 77 -33.62 -1.66 1.50
C ALA C 77 -33.08 -2.67 2.51
N GLY C 78 -31.94 -2.34 3.08
CA GLY C 78 -31.33 -3.21 4.08
C GLY C 78 -30.12 -2.56 4.70
N PHE C 79 -29.44 -3.34 5.54
CA PHE C 79 -28.21 -2.90 6.18
C PHE C 79 -27.21 -4.04 6.11
N VAL C 80 -26.24 -3.95 5.21
CA VAL C 80 -25.16 -4.95 5.18
C VAL C 80 -24.15 -4.64 6.30
N LYS C 81 -23.82 -5.68 7.07
CA LYS C 81 -23.08 -5.51 8.34
C LYS C 81 -21.63 -5.10 8.13
N ASP C 82 -20.99 -5.64 7.10
CA ASP C 82 -19.59 -5.34 6.84
C ASP C 82 -19.44 -3.99 6.15
N ALA C 83 -18.56 -3.17 6.68
CA ALA C 83 -18.26 -1.87 6.09
C ALA C 83 -17.61 -2.03 4.73
N ALA C 84 -16.59 -2.87 4.67
CA ALA C 84 -15.81 -3.02 3.45
C ALA C 84 -16.53 -3.76 2.33
N ASP C 85 -17.57 -4.54 2.66
CA ASP C 85 -18.27 -5.30 1.63
C ASP C 85 -18.95 -4.36 0.63
N VAL C 86 -19.01 -4.79 -0.62
CA VAL C 86 -19.58 -3.98 -1.69
C VAL C 86 -20.54 -4.80 -2.54
N LEU C 87 -21.73 -4.25 -2.77
CA LEU C 87 -22.76 -4.93 -3.54
C LEU C 87 -22.36 -5.11 -4.99
N PRO C 88 -22.95 -6.12 -5.67
CA PRO C 88 -22.69 -6.30 -7.10
C PRO C 88 -23.38 -5.23 -7.95
N THR C 89 -22.66 -4.72 -8.94
CA THR C 89 -23.18 -3.70 -9.83
C THR C 89 -24.04 -4.36 -10.88
N GLY C 90 -25.25 -4.74 -10.49
CA GLY C 90 -26.19 -5.39 -11.39
C GLY C 90 -27.56 -5.51 -10.76
N THR C 91 -28.42 -6.32 -11.38
CA THR C 91 -29.76 -6.58 -10.85
C THR C 91 -29.68 -7.60 -9.73
N ALA C 92 -28.58 -8.35 -9.71
CA ALA C 92 -28.35 -9.36 -8.68
C ALA C 92 -28.09 -8.78 -7.29
N SER C 93 -27.96 -7.47 -7.19
CA SER C 93 -27.84 -6.79 -5.89
C SER C 93 -29.04 -7.04 -4.99
N ILE C 94 -30.23 -7.05 -5.58
CA ILE C 94 -31.47 -7.25 -4.83
C ILE C 94 -31.55 -8.64 -4.19
N PRO C 95 -31.51 -9.72 -4.99
CA PRO C 95 -31.51 -11.03 -4.34
C PRO C 95 -30.38 -11.20 -3.34
N TYR C 96 -29.26 -10.52 -3.57
CA TYR C 96 -28.16 -10.48 -2.62
C TYR C 96 -28.58 -9.74 -1.34
N LEU C 97 -29.10 -8.52 -1.50
CA LEU C 97 -29.47 -7.72 -0.33
C LEU C 97 -30.64 -8.30 0.44
N MET C 98 -31.57 -8.93 -0.27
CA MET C 98 -32.69 -9.62 0.41
C MET C 98 -32.17 -10.76 1.29
N SER C 99 -31.08 -11.39 0.88
CA SER C 99 -30.44 -12.45 1.66
C SER C 99 -29.84 -11.93 2.97
N ASN C 100 -29.52 -10.64 3.04
CA ASN C 100 -29.07 -10.03 4.29
C ASN C 100 -30.18 -9.97 5.32
N THR C 101 -29.79 -9.96 6.59
CA THR C 101 -30.73 -9.89 7.70
C THR C 101 -31.46 -8.53 7.66
N GLY C 102 -32.71 -8.54 8.11
CA GLY C 102 -33.49 -7.31 8.22
C GLY C 102 -33.72 -6.59 6.91
N SER C 103 -33.75 -7.33 5.81
CA SER C 103 -34.00 -6.76 4.49
C SER C 103 -35.45 -6.96 4.11
N PHE C 104 -35.98 -6.02 3.31
CA PHE C 104 -37.41 -5.98 3.01
C PHE C 104 -37.71 -5.29 1.69
N THR C 105 -38.92 -5.51 1.18
CA THR C 105 -39.45 -4.76 0.03
C THR C 105 -40.65 -3.95 0.46
N GLN C 106 -40.89 -2.84 -0.23
CA GLN C 106 -42.01 -1.96 0.06
C GLN C 106 -42.21 -1.08 -1.16
N PRO C 107 -43.47 -0.81 -1.55
CA PRO C 107 -43.70 -0.01 -2.76
C PRO C 107 -43.24 1.44 -2.61
N TRP C 108 -42.96 2.07 -3.74
CA TRP C 108 -42.30 3.38 -3.77
C TRP C 108 -43.01 4.46 -2.96
N TRP C 109 -44.33 4.38 -2.88
CA TRP C 109 -45.09 5.38 -2.11
C TRP C 109 -44.98 5.18 -0.58
N LYS C 110 -44.67 3.95 -0.16
CA LYS C 110 -44.68 3.62 1.26
C LYS C 110 -43.33 3.91 1.91
N SER C 111 -43.33 4.87 2.83
CA SER C 111 -42.14 5.21 3.61
C SER C 111 -42.08 4.31 4.85
N THR C 112 -40.88 3.90 5.23
CA THR C 112 -40.69 3.09 6.44
C THR C 112 -39.56 3.62 7.31
N VAL C 113 -39.62 3.25 8.58
CA VAL C 113 -38.55 3.56 9.51
C VAL C 113 -37.98 2.22 9.94
N HIS C 114 -36.86 1.85 9.32
CA HIS C 114 -36.21 0.58 9.60
C HIS C 114 -35.20 0.71 10.75
N ASN C 115 -35.42 -0.05 11.82
CA ASN C 115 -34.53 -0.03 12.98
C ASN C 115 -33.39 -1.04 12.82
N VAL C 116 -32.14 -0.56 12.86
CA VAL C 116 -30.97 -1.43 12.72
C VAL C 116 -30.38 -1.78 14.07
N LYS C 117 -29.96 -3.04 14.19
CA LYS C 117 -29.51 -3.63 15.43
C LYS C 117 -27.98 -3.77 15.36
N ILE C 118 -27.28 -2.74 15.82
CA ILE C 118 -25.83 -2.66 15.65
C ILE C 118 -25.09 -3.39 16.78
N PRO C 119 -24.06 -4.18 16.42
CA PRO C 119 -23.20 -4.82 17.43
C PRO C 119 -22.76 -3.82 18.51
N GLN C 120 -22.75 -4.25 19.77
CA GLN C 120 -22.35 -3.37 20.88
C GLN C 120 -20.84 -3.31 21.04
N LYS C 121 -20.19 -2.99 19.94
CA LYS C 121 -18.75 -2.83 19.85
C LYS C 121 -18.51 -1.32 19.82
N LEU C 122 -17.37 -0.89 20.35
CA LEU C 122 -16.93 0.50 20.19
C LEU C 122 -16.16 0.61 18.89
N PHE C 123 -16.51 1.60 18.09
CA PHE C 123 -15.80 1.89 16.86
C PHE C 123 -15.03 3.17 17.07
N TYR C 124 -13.96 3.37 16.31
CA TYR C 124 -13.30 4.67 16.30
C TYR C 124 -14.22 5.64 15.57
N THR C 125 -14.12 6.91 15.94
CA THR C 125 -15.04 7.93 15.45
C THR C 125 -14.62 8.56 14.13
N GLU C 126 -13.41 8.27 13.66
CA GLU C 126 -12.83 9.00 12.53
C GLU C 126 -11.95 8.10 11.67
N ALA C 127 -11.87 8.41 10.38
CA ALA C 127 -10.99 7.69 9.47
C ALA C 127 -9.54 7.92 9.91
N PRO C 128 -8.73 6.84 9.97
CA PRO C 128 -7.41 6.92 10.58
C PRO C 128 -6.48 7.82 9.78
N THR C 129 -5.93 8.81 10.48
CA THR C 129 -5.09 9.81 9.84
C THR C 129 -3.67 9.30 9.64
N ARG C 130 -3.11 8.59 10.62
CA ARG C 130 -1.88 7.85 10.40
C ARG C 130 -2.24 6.41 10.11
N GLY C 131 -1.40 5.75 9.32
CA GLY C 131 -1.56 4.33 9.03
C GLY C 131 -2.50 4.12 7.86
N ALA C 132 -2.90 2.87 7.67
CA ALA C 132 -3.74 2.51 6.54
C ALA C 132 -5.20 2.78 6.87
N ASP C 133 -6.04 2.83 5.84
CA ASP C 133 -7.48 3.07 5.99
C ASP C 133 -8.26 1.75 6.18
N ALA C 134 -8.18 1.21 7.39
CA ALA C 134 -8.99 0.05 7.74
C ALA C 134 -10.37 0.57 8.03
N VAL C 135 -11.25 0.47 7.03
CA VAL C 135 -12.65 0.90 7.15
C VAL C 135 -13.42 0.17 8.25
N ARG C 136 -13.10 -1.10 8.44
CA ARG C 136 -13.75 -1.95 9.45
C ARG C 136 -13.58 -1.45 10.89
N GLU C 137 -12.53 -0.69 11.14
CA GLU C 137 -12.25 -0.17 12.49
C GLU C 137 -13.32 0.81 12.93
N TYR C 138 -13.79 1.67 12.03
CA TYR C 138 -14.61 2.84 12.39
C TYR C 138 -15.97 2.92 11.70
N CYS C 139 -16.41 1.82 11.10
CA CYS C 139 -17.71 1.76 10.42
C CYS C 139 -18.39 0.41 10.68
N PRO C 140 -19.55 0.43 11.34
CA PRO C 140 -20.28 -0.80 11.64
C PRO C 140 -20.99 -1.41 10.45
N GLY C 141 -21.07 -0.70 9.33
CA GLY C 141 -21.64 -1.27 8.11
C GLY C 141 -22.29 -0.23 7.22
N GLN C 142 -22.85 -0.70 6.11
CA GLN C 142 -23.50 0.18 5.15
C GLN C 142 -25.01 0.01 5.17
N PHE C 143 -25.72 1.10 4.87
CA PHE C 143 -27.17 1.10 4.71
C PHE C 143 -27.52 1.32 3.25
N HIS C 144 -28.35 0.43 2.69
CA HIS C 144 -28.64 0.48 1.26
C HIS C 144 -30.11 0.64 0.95
N VAL C 145 -30.38 1.14 -0.25
CA VAL C 145 -31.73 1.21 -0.79
C VAL C 145 -31.64 1.05 -2.30
N LEU C 146 -31.98 -0.15 -2.79
CA LEU C 146 -31.92 -0.47 -4.21
C LEU C 146 -33.26 -0.23 -4.88
N VAL C 147 -33.23 -0.02 -6.20
CA VAL C 147 -34.47 0.08 -6.97
C VAL C 147 -34.85 -1.32 -7.48
N ASP C 148 -35.88 -1.91 -6.89
CA ASP C 148 -36.33 -3.24 -7.26
C ASP C 148 -36.92 -3.22 -8.66
N SER C 149 -37.86 -2.31 -8.86
CA SER C 149 -38.55 -2.13 -10.14
C SER C 149 -38.64 -0.65 -10.50
N LYS C 150 -37.88 -0.24 -11.52
CA LYS C 150 -37.79 1.16 -11.94
C LYS C 150 -39.17 1.80 -11.95
N PRO C 151 -39.34 2.90 -11.19
CA PRO C 151 -40.62 3.63 -11.18
C PRO C 151 -41.01 4.21 -12.53
N SER C 152 -42.30 4.48 -12.69
CA SER C 152 -42.86 5.03 -13.93
C SER C 152 -42.64 6.54 -13.98
N GLN C 153 -43.11 7.22 -12.94
CA GLN C 153 -43.04 8.69 -12.81
C GLN C 153 -42.04 9.11 -11.74
N ILE C 154 -41.92 10.42 -11.52
CA ILE C 154 -40.95 10.97 -10.57
C ILE C 154 -41.12 10.30 -9.21
N CYS C 155 -40.00 9.93 -8.61
CA CYS C 155 -39.97 9.15 -7.40
C CYS C 155 -38.93 9.68 -6.42
N PRO C 156 -39.30 10.72 -5.65
CA PRO C 156 -38.41 11.35 -4.68
C PRO C 156 -38.25 10.51 -3.42
N VAL C 157 -37.01 10.25 -3.03
CA VAL C 157 -36.72 9.46 -1.84
C VAL C 157 -35.66 10.16 -1.04
N THR C 158 -35.86 10.21 0.27
CA THR C 158 -34.87 10.74 1.19
C THR C 158 -34.70 9.77 2.35
N VAL C 159 -33.73 10.05 3.21
CA VAL C 159 -33.56 9.28 4.43
C VAL C 159 -33.15 10.18 5.59
N ASP C 160 -33.71 9.89 6.75
CA ASP C 160 -33.31 10.54 8.00
C ASP C 160 -32.88 9.47 8.98
N LEU C 161 -32.19 9.87 10.05
CA LEU C 161 -31.67 8.93 11.01
C LEU C 161 -31.97 9.35 12.42
N GLU C 162 -32.81 8.59 13.12
CA GLU C 162 -32.91 8.69 14.57
C GLU C 162 -31.73 7.93 15.15
N TRP C 163 -30.82 8.66 15.80
CA TRP C 163 -29.61 8.07 16.36
C TRP C 163 -29.48 8.33 17.83
N VAL C 164 -28.89 7.37 18.53
CA VAL C 164 -28.49 7.52 19.91
C VAL C 164 -27.19 6.73 20.05
N VAL C 165 -26.20 7.37 20.66
CA VAL C 165 -24.84 6.88 20.64
C VAL C 165 -24.11 7.20 21.95
N GLU C 166 -23.21 6.31 22.35
CA GLU C 166 -22.27 6.60 23.42
C GLU C 166 -21.00 7.11 22.78
N LEU C 167 -20.48 8.23 23.29
CA LEU C 167 -19.20 8.75 22.87
C LEU C 167 -18.22 8.67 24.02
N HIS C 168 -17.05 8.11 23.77
CA HIS C 168 -16.10 7.80 24.82
C HIS C 168 -14.73 8.38 24.56
N ASP C 169 -13.89 8.39 25.60
CA ASP C 169 -12.48 8.69 25.45
C ASP C 169 -12.32 10.04 24.72
N ALA C 170 -12.31 11.12 25.50
CA ALA C 170 -12.46 12.48 24.97
C ALA C 170 -11.16 13.15 24.54
N THR C 171 -11.04 13.41 23.24
CA THR C 171 -9.89 14.12 22.67
C THR C 171 -10.41 14.88 21.45
N PHE C 172 -9.72 15.93 21.03
CA PHE C 172 -10.17 16.76 19.89
C PHE C 172 -9.33 16.58 18.62
N ARG C 173 -10.01 16.28 17.52
CA ARG C 173 -9.40 16.11 16.20
C ARG C 173 -9.36 17.47 15.51
N LYS C 174 -8.23 17.78 14.88
CA LYS C 174 -8.00 19.07 14.21
C LYS C 174 -9.19 19.67 13.44
N GLU C 175 -9.84 18.97 12.51
CA GLU C 175 -9.38 17.70 11.95
C GLU C 175 -8.90 18.00 10.54
N SER C 176 -7.65 17.61 10.25
CA SER C 176 -6.99 17.92 8.99
C SER C 176 -7.58 17.08 7.87
N ASP C 177 -8.83 17.36 7.54
CA ASP C 177 -9.55 16.59 6.55
C ASP C 177 -8.93 16.80 5.19
N GLN C 178 -9.01 15.78 4.35
CA GLN C 178 -8.52 15.87 2.99
C GLN C 178 -9.51 15.17 2.06
N THR C 179 -9.84 15.83 0.96
CA THR C 179 -10.83 15.32 0.02
C THR C 179 -10.15 14.56 -1.12
N ALA C 180 -10.92 13.77 -1.88
CA ALA C 180 -10.41 13.11 -3.09
C ALA C 180 -11.51 13.05 -4.13
N ILE C 181 -11.23 13.57 -5.33
CA ILE C 181 -12.26 13.76 -6.37
C ILE C 181 -12.24 12.65 -7.40
N SER C 182 -13.37 12.47 -8.08
CA SER C 182 -13.45 11.69 -9.31
C SER C 182 -14.42 12.39 -10.25
N ALA C 183 -14.50 11.93 -11.50
CA ALA C 183 -15.41 12.53 -12.47
C ALA C 183 -16.87 12.30 -12.06
N ILE C 184 -17.70 13.33 -12.25
CA ILE C 184 -19.15 13.22 -11.97
C ILE C 184 -19.87 12.37 -13.02
N VAL C 185 -19.59 12.64 -14.29
CA VAL C 185 -20.26 11.96 -15.39
C VAL C 185 -19.29 10.97 -16.04
N ALA C 186 -19.81 9.82 -16.46
CA ALA C 186 -18.99 8.74 -17.00
C ALA C 186 -19.13 8.56 -18.52
N ASP C 187 -19.94 9.41 -19.15
CA ASP C 187 -20.14 9.32 -20.60
C ASP C 187 -18.93 9.83 -21.40
N HIS C 188 -17.92 10.37 -20.72
CA HIS C 188 -16.62 10.59 -21.36
C HIS C 188 -15.43 10.81 -20.44
N THR C 189 -14.24 10.61 -21.03
CA THR C 189 -12.96 10.62 -20.35
C THR C 189 -12.14 11.82 -20.75
N LEU C 190 -11.14 12.13 -19.93
CA LEU C 190 -10.13 13.12 -20.32
C LEU C 190 -8.77 12.44 -20.38
N ASN C 191 -7.92 12.94 -21.29
CA ASN C 191 -6.68 12.26 -21.63
C ASN C 191 -5.58 13.19 -22.12
N VAL C 192 -4.36 12.65 -22.13
CA VAL C 192 -3.17 13.32 -22.66
C VAL C 192 -2.81 12.66 -23.97
N TYR C 193 -2.04 13.38 -24.77
CA TYR C 193 -1.49 12.81 -25.99
C TYR C 193 -0.04 13.25 -26.19
N GLY C 194 0.78 12.32 -26.67
CA GLY C 194 2.18 12.58 -26.99
C GLY C 194 2.42 12.75 -28.48
N LEU C 195 1.56 12.14 -29.28
CA LEU C 195 1.69 12.18 -30.73
C LEU C 195 0.51 12.96 -31.33
N PRO C 196 0.75 13.74 -32.41
CA PRO C 196 2.06 13.91 -33.07
C PRO C 196 3.03 14.74 -32.23
N ALA C 197 4.32 14.55 -32.45
CA ALA C 197 5.35 15.29 -31.74
C ALA C 197 5.31 16.78 -32.05
N THR C 198 4.75 17.13 -33.21
CA THR C 198 4.75 18.50 -33.69
C THR C 198 3.63 19.39 -33.11
N SER C 199 2.54 18.78 -32.64
CA SER C 199 1.34 19.55 -32.21
C SER C 199 1.58 20.49 -31.03
N ASN C 200 0.62 21.40 -30.84
CA ASN C 200 0.67 22.40 -29.79
C ASN C 200 0.08 21.93 -28.48
N ARG C 201 -0.95 21.08 -28.56
CA ARG C 201 -1.61 20.54 -27.36
C ARG C 201 -1.13 19.11 -27.08
N VAL C 202 0.16 18.97 -26.88
CA VAL C 202 0.79 17.69 -26.57
C VAL C 202 1.20 17.73 -25.10
N GLY C 203 0.73 16.77 -24.33
CA GLY C 203 0.93 16.80 -22.88
C GLY C 203 -0.16 17.61 -22.20
N HIS C 204 -0.96 18.31 -23.00
CA HIS C 204 -2.10 19.05 -22.49
C HIS C 204 -3.22 18.08 -22.17
N ILE C 205 -3.99 18.41 -21.15
CA ILE C 205 -5.14 17.61 -20.78
C ILE C 205 -6.26 18.00 -21.72
N LEU C 206 -6.99 17.00 -22.21
CA LEU C 206 -8.13 17.22 -23.10
C LEU C 206 -9.26 16.30 -22.69
N ILE C 207 -10.50 16.67 -23.07
CA ILE C 207 -11.68 15.83 -22.79
C ILE C 207 -12.09 15.17 -24.09
N SER C 208 -12.13 13.84 -24.08
CA SER C 208 -12.53 13.07 -25.24
C SER C 208 -13.82 12.37 -24.89
N PRO C 209 -14.94 12.81 -25.47
CA PRO C 209 -16.22 12.12 -25.33
C PRO C 209 -16.26 10.70 -25.89
N ILE C 210 -17.40 10.04 -25.80
CA ILE C 210 -17.64 8.84 -26.60
C ILE C 210 -17.35 9.22 -28.06
N GLY C 211 -17.86 10.39 -28.46
CA GLY C 211 -17.46 11.05 -29.70
C GLY C 211 -15.96 11.27 -29.69
N GLN C 212 -15.28 10.71 -30.67
CA GLN C 212 -13.86 10.43 -30.57
C GLN C 212 -12.96 11.65 -30.37
N THR C 213 -13.24 12.73 -31.10
CA THR C 213 -12.32 13.88 -31.19
C THR C 213 -12.12 14.64 -29.87
N PRO C 214 -10.87 14.67 -29.37
CA PRO C 214 -10.60 15.41 -28.14
C PRO C 214 -10.76 16.92 -28.32
N LYS C 215 -10.88 17.62 -27.20
CA LYS C 215 -11.14 19.05 -27.17
C LYS C 215 -10.59 19.63 -25.89
N ASP C 216 -10.14 20.89 -25.94
CA ASP C 216 -9.57 21.55 -24.76
C ASP C 216 -10.68 21.88 -23.76
N LEU C 217 -10.29 22.33 -22.57
CA LEU C 217 -11.24 22.55 -21.46
C LEU C 217 -11.68 24.01 -21.39
N THR C 218 -12.97 24.24 -21.66
CA THR C 218 -13.51 25.57 -21.96
C THR C 218 -13.24 26.70 -20.95
N PRO C 219 -13.25 26.42 -19.63
CA PRO C 219 -13.39 25.19 -18.86
C PRO C 219 -14.79 24.89 -18.32
N THR C 220 -15.83 25.42 -18.94
CA THR C 220 -17.18 24.95 -18.67
C THR C 220 -17.30 23.46 -19.02
N ARG C 221 -16.36 22.95 -19.82
CA ARG C 221 -16.27 21.52 -20.13
C ARG C 221 -15.74 20.77 -18.91
N PHE C 222 -14.67 21.30 -18.32
CA PHE C 222 -14.15 20.82 -17.05
C PHE C 222 -15.28 20.73 -16.03
N ALA C 223 -16.09 21.79 -15.97
CA ALA C 223 -17.20 21.85 -15.05
C ALA C 223 -18.13 20.63 -15.14
N THR C 224 -18.44 20.20 -16.36
CA THR C 224 -19.34 19.07 -16.58
C THR C 224 -18.71 17.72 -16.26
N PHE C 225 -17.38 17.65 -16.32
CA PHE C 225 -16.64 16.42 -16.04
C PHE C 225 -16.39 16.19 -14.54
N PHE C 226 -16.07 17.25 -13.80
CA PHE C 226 -15.79 17.16 -12.37
C PHE C 226 -16.96 17.57 -11.47
N GLY C 227 -17.79 18.49 -11.97
CA GLY C 227 -18.93 19.00 -11.21
C GLY C 227 -18.68 20.34 -10.52
N PHE C 228 -17.57 21.00 -10.86
CA PHE C 228 -17.26 22.32 -10.30
C PHE C 228 -16.37 23.12 -11.26
N LEU C 229 -16.22 24.41 -10.96
CA LEU C 229 -15.48 25.32 -11.83
C LEU C 229 -13.99 25.41 -11.50
N PRO C 230 -13.13 25.42 -12.53
CA PRO C 230 -11.69 25.52 -12.29
C PRO C 230 -11.22 26.88 -11.85
N ASP C 231 -9.93 26.97 -11.60
CA ASP C 231 -9.32 28.14 -11.00
C ASP C 231 -7.83 28.03 -11.26
N ASP C 232 -7.20 29.12 -11.68
CA ASP C 232 -5.76 29.12 -11.97
C ASP C 232 -4.93 28.48 -10.84
N LYS C 233 -5.51 28.40 -9.65
CA LYS C 233 -4.90 27.80 -8.47
C LYS C 233 -5.29 26.32 -8.29
N PHE C 234 -5.68 25.65 -9.38
CA PHE C 234 -6.12 24.25 -9.33
C PHE C 234 -4.98 23.30 -9.61
N CYS C 235 -4.76 22.36 -8.70
CA CYS C 235 -3.73 21.34 -8.87
C CYS C 235 -4.23 20.04 -8.27
N VAL C 236 -3.80 18.94 -8.88
CA VAL C 236 -4.35 17.63 -8.55
C VAL C 236 -3.30 16.54 -8.73
N ARG C 237 -3.28 15.60 -7.80
CA ARG C 237 -2.34 14.47 -7.82
C ARG C 237 -2.95 13.34 -8.62
N ILE C 238 -2.13 12.76 -9.51
CA ILE C 238 -2.57 11.70 -10.42
C ILE C 238 -2.40 10.33 -9.75
N PRO C 239 -3.38 9.42 -9.92
CA PRO C 239 -3.28 8.05 -9.42
C PRO C 239 -2.06 7.29 -9.93
N THR C 240 -1.79 7.43 -11.23
CA THR C 240 -0.62 6.82 -11.86
C THR C 240 0.25 7.85 -12.58
N PRO C 241 1.55 7.95 -12.21
CA PRO C 241 2.47 8.90 -12.85
C PRO C 241 2.64 8.63 -14.34
N VAL C 242 2.93 9.68 -15.10
CA VAL C 242 3.07 9.59 -16.54
C VAL C 242 4.49 9.96 -16.94
N ASP C 243 5.15 9.07 -17.67
CA ASP C 243 6.55 9.30 -18.05
C ASP C 243 6.66 10.38 -19.10
N VAL C 244 7.44 11.41 -18.77
CA VAL C 244 7.74 12.49 -19.70
C VAL C 244 9.24 12.57 -19.90
N VAL C 245 9.63 12.74 -21.16
CA VAL C 245 11.04 12.75 -21.55
C VAL C 245 11.44 14.11 -22.08
N LEU C 246 12.16 14.87 -21.25
CA LEU C 246 12.74 16.14 -21.65
C LEU C 246 14.05 15.93 -22.38
N THR C 247 14.36 16.86 -23.27
CA THR C 247 15.55 16.75 -24.09
C THR C 247 15.89 18.11 -24.69
N GLY C 248 17.17 18.34 -24.93
CA GLY C 248 17.65 19.58 -25.52
C GLY C 248 18.97 19.40 -26.24
N ASP C 249 19.78 20.46 -26.20
CA ASP C 249 21.08 20.45 -26.85
C ASP C 249 22.06 19.60 -26.04
N ASN C 250 22.06 18.30 -26.31
CA ASN C 250 22.94 17.34 -25.64
C ASN C 250 22.63 17.18 -24.15
N VAL C 251 21.34 17.10 -23.84
CA VAL C 251 20.86 16.86 -22.48
C VAL C 251 19.56 16.04 -22.53
N TYR C 252 19.31 15.27 -21.48
CA TYR C 252 18.19 14.33 -21.45
C TYR C 252 17.81 14.05 -20.00
N GLN C 253 16.52 14.10 -19.70
CA GLN C 253 16.02 13.80 -18.35
C GLN C 253 14.66 13.11 -18.40
N SER C 254 14.48 12.12 -17.53
CA SER C 254 13.18 11.46 -17.37
C SER C 254 12.42 12.07 -16.19
N VAL C 255 11.11 12.24 -16.36
CA VAL C 255 10.26 12.94 -15.42
C VAL C 255 8.95 12.21 -15.20
N GLU C 256 8.57 12.02 -13.94
CA GLU C 256 7.26 11.47 -13.59
C GLU C 256 6.27 12.62 -13.46
N ALA C 257 5.31 12.67 -14.37
CA ALA C 257 4.22 13.62 -14.29
C ALA C 257 3.25 13.16 -13.21
N THR C 258 3.48 13.66 -12.00
CA THR C 258 2.72 13.25 -10.82
C THR C 258 1.45 14.07 -10.57
N HIS C 259 1.30 15.20 -11.28
CA HIS C 259 0.14 16.09 -11.10
C HIS C 259 -0.44 16.63 -12.40
N ILE C 260 -1.74 16.90 -12.36
CA ILE C 260 -2.37 17.76 -13.35
C ILE C 260 -2.58 19.10 -12.67
N ARG C 261 -2.09 20.15 -13.32
CA ARG C 261 -2.17 21.50 -12.77
C ARG C 261 -2.81 22.43 -13.78
N ALA C 262 -3.50 23.43 -13.26
CA ALA C 262 -4.02 24.51 -14.08
C ALA C 262 -2.99 25.64 -14.08
N TYR C 263 -2.85 26.29 -15.22
CA TYR C 263 -1.86 27.35 -15.38
C TYR C 263 -2.37 28.41 -16.34
N LEU C 264 -1.84 29.63 -16.19
CA LEU C 264 -2.26 30.76 -17.01
C LEU C 264 -1.70 30.68 -18.44
N VAL C 265 -2.53 31.04 -19.42
CA VAL C 265 -2.23 30.84 -20.83
C VAL C 265 -2.30 32.15 -21.62
N ASN C 266 -1.25 32.43 -22.38
CA ASN C 266 -1.21 33.58 -23.28
C ASN C 266 -1.71 34.86 -22.60
N GLY C 267 -0.96 35.31 -21.60
CA GLY C 267 -1.21 36.58 -20.94
C GLY C 267 -2.22 36.56 -19.80
N GLY C 268 -2.44 35.40 -19.19
CA GLY C 268 -3.18 35.32 -17.93
C GLY C 268 -4.70 35.46 -17.97
N LEU C 269 -5.26 35.95 -19.06
CA LEU C 269 -6.72 36.00 -19.23
C LEU C 269 -7.28 34.66 -19.73
N GLY C 270 -6.42 33.64 -19.82
CA GLY C 270 -6.84 32.27 -20.10
C GLY C 270 -6.34 31.29 -19.06
N ILE C 271 -6.88 30.08 -19.12
CA ILE C 271 -6.47 28.97 -18.27
C ILE C 271 -6.50 27.68 -19.09
N ASP C 272 -5.48 26.84 -18.93
CA ASP C 272 -5.45 25.51 -19.55
C ASP C 272 -4.89 24.55 -18.49
N PHE C 273 -4.80 23.28 -18.83
CA PHE C 273 -4.31 22.27 -17.91
C PHE C 273 -3.22 21.46 -18.56
N HIS C 274 -2.23 21.09 -17.75
CA HIS C 274 -1.04 20.42 -18.24
C HIS C 274 -0.54 19.40 -17.23
N LEU C 275 0.22 18.42 -17.72
CA LEU C 275 0.94 17.49 -16.85
C LEU C 275 1.97 18.29 -16.06
N ALA C 276 2.25 17.85 -14.82
CA ALA C 276 3.14 18.58 -13.95
C ALA C 276 3.83 17.67 -12.94
N ALA C 277 4.88 18.21 -12.30
CA ALA C 277 5.55 17.52 -11.21
C ALA C 277 6.23 18.55 -10.32
N TYR C 278 6.58 18.13 -9.10
CA TYR C 278 7.34 18.97 -8.20
C TYR C 278 8.68 19.30 -8.86
N ASN C 279 8.99 20.59 -8.96
CA ASN C 279 10.30 21.02 -9.46
C ASN C 279 11.22 21.28 -8.27
N ASP C 280 12.34 20.56 -8.23
CA ASP C 280 13.28 20.63 -7.12
C ASP C 280 13.94 22.00 -7.01
N THR C 281 14.07 22.70 -8.14
CA THR C 281 14.65 24.05 -8.16
C THR C 281 13.66 25.06 -7.57
N THR C 282 12.45 25.04 -8.10
CA THR C 282 11.43 26.01 -7.73
C THR C 282 10.73 25.69 -6.41
N HIS C 283 10.86 24.44 -5.95
CA HIS C 283 10.17 23.96 -4.75
C HIS C 283 8.65 24.11 -4.88
N THR C 284 8.14 23.70 -6.05
CA THR C 284 6.72 23.81 -6.35
C THR C 284 6.37 22.97 -7.56
N ILE C 285 5.08 22.68 -7.73
CA ILE C 285 4.60 21.89 -8.85
C ILE C 285 4.39 22.77 -10.07
N GLN C 286 5.20 22.53 -11.10
CA GLN C 286 5.15 23.31 -12.34
C GLN C 286 4.75 22.46 -13.53
N PRO C 287 4.14 23.10 -14.55
CA PRO C 287 3.85 22.37 -15.77
C PRO C 287 5.13 21.93 -16.47
N ILE C 288 5.22 20.65 -16.78
CA ILE C 288 6.40 20.10 -17.44
C ILE C 288 6.45 20.62 -18.87
N ILE C 289 7.04 21.80 -19.02
CA ILE C 289 7.24 22.45 -20.31
C ILE C 289 8.73 22.64 -20.52
N PRO C 290 9.28 22.12 -21.64
CA PRO C 290 10.73 22.06 -21.84
C PRO C 290 11.48 23.35 -21.48
N THR C 291 11.08 24.47 -22.09
CA THR C 291 11.77 25.74 -21.91
C THR C 291 11.59 26.32 -20.51
N LEU C 292 10.49 25.94 -19.84
CA LEU C 292 10.19 26.46 -18.50
C LEU C 292 10.62 25.53 -17.37
N TRP C 293 11.11 24.34 -17.70
CA TRP C 293 11.50 23.36 -16.69
C TRP C 293 12.98 23.52 -16.32
N ASN C 294 13.24 23.99 -15.09
CA ASN C 294 14.60 24.25 -14.62
C ASN C 294 15.16 23.13 -13.77
N VAL C 295 16.47 22.89 -13.92
CA VAL C 295 17.16 21.82 -13.22
C VAL C 295 18.54 22.26 -12.73
N TYR C 296 18.98 21.67 -11.62
CA TYR C 296 20.32 21.91 -11.13
C TYR C 296 21.32 21.21 -12.05
N ASP C 297 22.60 21.37 -11.73
CA ASP C 297 23.66 20.55 -12.33
C ASP C 297 24.73 20.34 -11.27
N VAL C 298 25.80 19.64 -11.61
CA VAL C 298 26.88 19.31 -10.68
C VAL C 298 27.43 20.53 -9.90
N THR C 299 27.45 21.70 -10.55
CA THR C 299 27.98 22.92 -9.94
C THR C 299 27.03 23.58 -8.94
N GLY C 300 25.73 23.33 -9.09
CA GLY C 300 24.70 23.93 -8.24
C GLY C 300 23.89 25.02 -8.94
N ALA C 301 24.25 25.31 -10.18
CA ALA C 301 23.54 26.32 -10.98
C ALA C 301 22.24 25.76 -11.53
N VAL C 302 21.27 26.64 -11.75
CA VAL C 302 20.01 26.27 -12.37
C VAL C 302 20.08 26.51 -13.87
N THR C 303 19.38 25.68 -14.63
CA THR C 303 19.44 25.71 -16.09
C THR C 303 18.12 25.27 -16.69
N ALA C 304 17.79 25.83 -17.85
CA ALA C 304 16.65 25.37 -18.63
C ALA C 304 17.11 25.09 -20.06
N PRO C 305 17.89 24.03 -20.24
CA PRO C 305 18.43 23.70 -21.56
C PRO C 305 17.45 22.92 -22.45
N PHE C 306 16.35 22.46 -21.87
CA PHE C 306 15.43 21.57 -22.57
C PHE C 306 14.63 22.34 -23.62
N THR C 307 14.53 21.75 -24.82
CA THR C 307 13.84 22.37 -25.97
C THR C 307 12.57 21.62 -26.41
N SER C 308 12.56 20.29 -26.27
CA SER C 308 11.36 19.50 -26.56
C SER C 308 11.10 18.44 -25.49
N ALA C 309 9.87 17.92 -25.48
CA ALA C 309 9.47 16.90 -24.52
C ALA C 309 8.59 15.86 -25.17
N ILE C 310 8.74 14.61 -24.74
CA ILE C 310 7.92 13.52 -25.24
C ILE C 310 7.05 12.97 -24.12
N TYR C 311 5.76 13.21 -24.25
CA TYR C 311 4.79 12.78 -23.26
C TYR C 311 4.22 11.45 -23.69
N ASP C 312 3.98 10.57 -22.73
CA ASP C 312 3.31 9.31 -23.01
C ASP C 312 1.82 9.54 -22.96
N ASN C 313 1.07 8.86 -23.82
CA ASN C 313 -0.39 8.93 -23.79
C ASN C 313 -0.90 8.37 -22.48
N HIS C 314 -2.01 8.92 -22.00
CA HIS C 314 -2.68 8.37 -20.83
C HIS C 314 -4.10 8.92 -20.72
N VAL C 315 -5.04 8.02 -20.43
CA VAL C 315 -6.44 8.39 -20.25
C VAL C 315 -6.84 8.30 -18.79
N TRP C 316 -7.89 9.04 -18.45
CA TRP C 316 -8.50 9.01 -17.12
C TRP C 316 -10.01 8.89 -17.25
N THR C 317 -10.62 8.16 -16.32
CA THR C 317 -12.04 7.91 -16.35
C THR C 317 -12.70 8.37 -15.05
N HIS C 318 -14.02 8.22 -14.99
CA HIS C 318 -14.78 8.34 -13.75
C HIS C 318 -14.19 7.52 -12.60
N LYS C 319 -13.60 6.36 -12.93
CA LYS C 319 -13.04 5.45 -11.93
C LYS C 319 -11.81 6.03 -11.23
N ASP C 320 -11.04 6.82 -11.95
CA ASP C 320 -9.79 7.38 -11.41
C ASP C 320 -10.03 8.41 -10.30
N LYS C 321 -9.36 8.18 -9.16
CA LYS C 321 -9.46 9.06 -8.00
C LYS C 321 -8.35 10.12 -8.00
N PHE C 322 -8.74 11.36 -8.24
CA PHE C 322 -7.84 12.49 -8.14
C PHE C 322 -7.86 13.01 -6.72
N VAL C 323 -6.80 13.72 -6.34
CA VAL C 323 -6.74 14.31 -5.01
C VAL C 323 -6.19 15.73 -5.14
N PRO C 324 -7.00 16.72 -4.72
CA PRO C 324 -6.60 18.11 -4.82
C PRO C 324 -5.55 18.44 -3.77
N VAL C 325 -4.54 19.18 -4.21
CA VAL C 325 -3.43 19.53 -3.36
C VAL C 325 -2.92 20.88 -3.82
N SER C 326 -2.60 21.74 -2.87
CA SER C 326 -2.02 23.03 -3.22
C SER C 326 -0.61 22.75 -3.74
N PHE C 327 -0.03 23.76 -4.37
CA PHE C 327 1.27 23.61 -5.01
C PHE C 327 2.22 23.19 -3.89
N GLN C 328 3.19 22.34 -4.21
CA GLN C 328 3.97 21.61 -3.20
C GLN C 328 3.16 20.45 -2.62
N ASP C 329 2.20 19.97 -3.42
CA ASP C 329 1.33 18.83 -3.09
C ASP C 329 0.82 18.76 -1.64
N GLU C 330 0.50 19.91 -1.05
CA GLU C 330 -0.04 19.97 0.31
C GLU C 330 -1.54 19.74 0.29
N PRO C 331 -2.03 18.70 1.01
CA PRO C 331 -3.47 18.41 1.02
C PRO C 331 -4.35 19.59 1.43
N ILE C 332 -5.46 19.76 0.72
CA ILE C 332 -6.41 20.83 0.99
C ILE C 332 -7.52 20.31 1.92
N PRO C 333 -7.86 21.08 2.97
CA PRO C 333 -8.95 20.74 3.89
C PRO C 333 -10.31 20.59 3.21
N GLY C 334 -11.14 19.70 3.74
CA GLY C 334 -12.47 19.47 3.19
C GLY C 334 -13.27 20.75 3.03
N THR C 335 -13.29 21.57 4.07
CA THR C 335 -14.11 22.79 4.08
C THR C 335 -13.51 23.89 3.22
N VAL C 336 -12.20 23.87 3.02
CA VAL C 336 -11.54 24.84 2.14
C VAL C 336 -11.84 24.51 0.69
N PHE C 337 -11.71 23.23 0.33
CA PHE C 337 -11.95 22.78 -1.03
C PHE C 337 -13.40 23.03 -1.44
N ASP C 338 -14.33 22.60 -0.59
CA ASP C 338 -15.76 22.78 -0.86
C ASP C 338 -16.14 24.26 -1.08
N TYR C 339 -15.35 25.18 -0.50
CA TYR C 339 -15.54 26.61 -0.71
C TYR C 339 -14.99 27.09 -2.06
N LEU C 340 -13.69 26.87 -2.27
CA LEU C 340 -13.02 27.31 -3.50
C LEU C 340 -13.62 26.64 -4.73
N TYR C 341 -13.93 25.36 -4.59
CA TYR C 341 -14.41 24.53 -5.70
C TYR C 341 -15.73 23.87 -5.29
N PRO C 342 -16.82 24.65 -5.32
CA PRO C 342 -18.12 24.17 -4.86
C PRO C 342 -18.88 23.30 -5.88
N ARG C 343 -19.20 22.07 -5.50
CA ARG C 343 -20.08 21.21 -6.28
C ARG C 343 -21.51 21.36 -5.75
N SER C 344 -22.50 20.98 -6.56
CA SER C 344 -23.92 21.11 -6.18
C SER C 344 -24.21 20.44 -4.84
N TYR C 345 -24.86 21.17 -3.93
CA TYR C 345 -25.06 20.65 -2.57
C TYR C 345 -25.85 19.35 -2.58
N SER C 346 -25.18 18.27 -2.18
CA SER C 346 -25.78 16.95 -2.12
C SER C 346 -25.45 16.36 -0.76
N LEU C 347 -26.12 15.27 -0.42
CA LEU C 347 -25.89 14.58 0.85
C LEU C 347 -26.23 13.10 0.63
N PRO C 348 -25.29 12.19 0.89
CA PRO C 348 -23.92 12.38 1.40
C PRO C 348 -22.95 12.98 0.39
N SER C 349 -21.79 13.41 0.88
CA SER C 349 -20.71 13.93 0.04
C SER C 349 -19.62 12.88 -0.13
CA CA D . 3.28 -10.56 15.76
CA CA E . -9.65 9.88 16.50
CA CA F . -17.59 -9.94 4.39
#